data_2KYL
#
_entry.id   2KYL
#
loop_
_entity.id
_entity.type
_entity.pdbx_description
1 polymer 'Microtubule-associated serine/threonine-protein kinase 2'
2 polymer 'C-terminus of Phosphatidylinositol-3,4,5-trisphosphate 3-phosphatase and dual-specificity protein phosphatase PTEN'
#
loop_
_entity_poly.entity_id
_entity_poly.type
_entity_poly.pdbx_seq_one_letter_code
_entity_poly.pdbx_strand_id
1 'polypeptide(L)'
;GGSMRPPIIIHRAGKKYGFTLRAIRVYMGDSDVYTVHHMVWHVEDGGPASEAGLRQGDLITHVNGEPVHGLVHTEVVELI
LKSGNKVAISTTPLEN
;
A
2 'polypeptide(L)' PFDEDQHTQITKV B
#
# COMPACT_ATOMS: atom_id res chain seq x y z
N GLY A 1 9.65 -14.95 9.98
CA GLY A 1 9.32 -13.86 10.92
C GLY A 1 8.18 -13.00 10.43
N GLY A 2 7.02 -13.17 11.05
CA GLY A 2 5.85 -12.41 10.66
C GLY A 2 5.90 -10.98 11.16
N SER A 3 6.03 -10.81 12.47
CA SER A 3 6.11 -9.50 13.07
C SER A 3 7.56 -9.09 13.27
N MET A 4 8.06 -8.22 12.40
CA MET A 4 9.44 -7.76 12.47
C MET A 4 9.54 -6.29 12.09
N ARG A 5 8.82 -5.92 11.03
CA ARG A 5 8.83 -4.54 10.56
C ARG A 5 7.76 -3.72 11.28
N PRO A 6 8.15 -2.59 11.86
CA PRO A 6 7.23 -1.70 12.59
C PRO A 6 6.21 -1.04 11.65
N PRO A 7 4.91 -1.07 12.01
CA PRO A 7 3.85 -0.48 11.21
C PRO A 7 3.87 1.05 11.25
N ILE A 8 3.37 1.64 10.17
CA ILE A 8 3.28 3.08 10.04
C ILE A 8 1.91 3.55 10.51
N ILE A 9 1.82 3.92 11.79
CA ILE A 9 0.56 4.38 12.36
C ILE A 9 0.19 5.77 11.84
N ILE A 10 -0.66 5.79 10.83
CA ILE A 10 -1.13 7.02 10.22
C ILE A 10 -2.42 7.49 10.84
N HIS A 11 -2.52 8.78 11.08
CA HIS A 11 -3.71 9.38 11.66
C HIS A 11 -4.69 9.80 10.56
N ARG A 12 -5.96 9.76 10.89
CA ARG A 12 -7.03 10.15 9.98
C ARG A 12 -7.01 11.66 9.72
N ALA A 13 -7.08 12.05 8.46
CA ALA A 13 -7.11 13.46 8.10
C ALA A 13 -8.43 13.79 7.43
N GLY A 14 -9.51 13.70 8.19
CA GLY A 14 -10.83 13.96 7.66
C GLY A 14 -11.41 12.72 7.00
N LYS A 15 -10.65 12.17 6.06
CA LYS A 15 -11.03 10.98 5.34
C LYS A 15 -9.79 10.32 4.76
N LYS A 16 -8.97 11.14 4.11
CA LYS A 16 -7.75 10.66 3.48
C LYS A 16 -6.63 10.55 4.50
N TYR A 17 -5.62 9.72 4.20
CA TYR A 17 -4.48 9.54 5.09
C TYR A 17 -3.28 10.30 4.57
N GLY A 18 -3.40 10.85 3.37
CA GLY A 18 -2.32 11.62 2.82
C GLY A 18 -1.44 10.86 1.86
N PHE A 19 -1.92 9.72 1.38
CA PHE A 19 -1.12 8.95 0.44
C PHE A 19 -1.95 8.27 -0.63
N THR A 20 -1.21 7.85 -1.66
CA THR A 20 -1.77 7.16 -2.80
C THR A 20 -1.40 5.70 -2.76
N LEU A 21 -2.40 4.85 -2.81
CA LEU A 21 -2.16 3.43 -2.80
C LEU A 21 -2.27 2.92 -4.22
N ARG A 22 -1.32 2.10 -4.63
CA ARG A 22 -1.31 1.59 -5.98
C ARG A 22 -1.10 0.08 -5.99
N ALA A 23 -1.98 -0.61 -6.68
CA ALA A 23 -1.91 -2.05 -6.80
C ALA A 23 -1.07 -2.43 -8.01
N ILE A 24 0.24 -2.53 -7.79
CA ILE A 24 1.18 -2.87 -8.84
C ILE A 24 1.18 -4.37 -9.09
N ARG A 25 1.64 -4.77 -10.27
CA ARG A 25 1.67 -6.19 -10.60
C ARG A 25 2.95 -6.55 -11.34
N VAL A 26 3.57 -7.63 -10.90
CA VAL A 26 4.79 -8.14 -11.51
C VAL A 26 4.52 -9.57 -11.95
N TYR A 27 4.64 -9.84 -13.25
CA TYR A 27 4.38 -11.18 -13.74
C TYR A 27 5.42 -12.17 -13.24
N MET A 28 4.92 -13.34 -12.88
CA MET A 28 5.76 -14.41 -12.39
C MET A 28 6.61 -14.99 -13.52
N GLY A 29 7.88 -15.19 -13.26
CA GLY A 29 8.79 -15.72 -14.26
C GLY A 29 8.67 -17.22 -14.43
N ASP A 30 7.51 -17.68 -14.87
CA ASP A 30 7.27 -19.10 -15.09
C ASP A 30 5.98 -19.33 -15.86
N SER A 31 4.86 -18.88 -15.30
CA SER A 31 3.57 -19.04 -15.96
C SER A 31 3.05 -17.69 -16.45
N ASP A 32 1.72 -17.58 -16.59
CA ASP A 32 1.08 -16.36 -17.05
C ASP A 32 0.56 -15.57 -15.87
N VAL A 33 0.58 -16.22 -14.73
CA VAL A 33 0.13 -15.62 -13.49
C VAL A 33 0.99 -14.42 -13.11
N TYR A 34 0.38 -13.47 -12.45
CA TYR A 34 1.06 -12.27 -12.02
C TYR A 34 1.16 -12.22 -10.52
N THR A 35 1.91 -11.26 -10.04
CA THR A 35 2.09 -11.05 -8.63
C THR A 35 1.71 -9.62 -8.28
N VAL A 36 0.50 -9.46 -7.76
CA VAL A 36 -0.01 -8.15 -7.41
C VAL A 36 0.43 -7.75 -6.00
N HIS A 37 0.96 -6.55 -5.90
CA HIS A 37 1.43 -6.02 -4.63
C HIS A 37 0.79 -4.67 -4.38
N HIS A 38 0.64 -4.33 -3.11
CA HIS A 38 0.04 -3.06 -2.74
C HIS A 38 1.12 -2.12 -2.23
N MET A 39 1.48 -1.15 -3.06
CA MET A 39 2.52 -0.21 -2.71
C MET A 39 2.02 1.22 -2.77
N VAL A 40 2.43 2.00 -1.77
CA VAL A 40 2.08 3.41 -1.73
C VAL A 40 2.93 4.11 -2.79
N TRP A 41 2.27 4.75 -3.73
CA TRP A 41 2.94 5.41 -4.85
C TRP A 41 3.34 6.85 -4.55
N HIS A 42 2.65 7.48 -3.61
CA HIS A 42 2.95 8.86 -3.28
C HIS A 42 2.41 9.22 -1.91
N VAL A 43 3.14 10.08 -1.22
CA VAL A 43 2.74 10.56 0.09
C VAL A 43 2.78 12.08 0.08
N GLU A 44 1.65 12.72 0.36
CA GLU A 44 1.55 14.15 0.38
C GLU A 44 2.59 14.74 1.32
N ASP A 45 3.30 15.75 0.84
CA ASP A 45 4.34 16.41 1.64
C ASP A 45 3.76 17.01 2.89
N GLY A 46 4.18 16.50 4.04
CA GLY A 46 3.68 16.99 5.31
C GLY A 46 2.35 16.36 5.68
N GLY A 47 1.98 15.31 4.94
CA GLY A 47 0.74 14.63 5.21
C GLY A 47 0.82 13.73 6.42
N PRO A 48 -0.31 13.21 6.90
CA PRO A 48 -0.37 12.34 8.08
C PRO A 48 0.51 11.13 7.91
N ALA A 49 0.39 10.52 6.76
CA ALA A 49 1.18 9.33 6.42
C ALA A 49 2.67 9.67 6.43
N SER A 50 3.00 10.85 5.94
CA SER A 50 4.39 11.29 5.90
C SER A 50 4.90 11.44 7.33
N GLU A 51 4.02 11.91 8.19
CA GLU A 51 4.35 12.11 9.60
C GLU A 51 4.50 10.77 10.30
N ALA A 52 3.66 9.84 9.89
CA ALA A 52 3.67 8.49 10.43
C ALA A 52 4.94 7.76 10.01
N GLY A 53 5.50 8.17 8.86
CA GLY A 53 6.72 7.55 8.37
C GLY A 53 6.53 6.81 7.06
N LEU A 54 5.32 6.85 6.52
CA LEU A 54 5.04 6.17 5.26
C LEU A 54 5.77 6.85 4.11
N ARG A 55 6.40 6.04 3.29
CA ARG A 55 7.14 6.52 2.15
C ARG A 55 6.56 5.91 0.89
N GLN A 56 6.95 6.42 -0.27
CA GLN A 56 6.44 5.90 -1.52
C GLN A 56 7.44 4.93 -2.13
N GLY A 57 6.94 3.82 -2.65
CA GLY A 57 7.81 2.83 -3.26
C GLY A 57 8.12 1.69 -2.33
N ASP A 58 7.44 1.64 -1.18
CA ASP A 58 7.64 0.55 -0.23
C ASP A 58 6.75 -0.62 -0.62
N LEU A 59 6.45 -1.47 0.34
CA LEU A 59 5.57 -2.59 0.12
C LEU A 59 4.71 -2.79 1.34
N ILE A 60 3.41 -2.58 1.18
CA ILE A 60 2.50 -2.77 2.28
C ILE A 60 2.13 -4.25 2.37
N THR A 61 2.69 -4.91 3.36
CA THR A 61 2.45 -6.32 3.55
C THR A 61 1.22 -6.59 4.42
N HIS A 62 0.97 -5.72 5.39
CA HIS A 62 -0.18 -5.89 6.28
C HIS A 62 -0.82 -4.56 6.61
N VAL A 63 -2.13 -4.59 6.75
CA VAL A 63 -2.91 -3.42 7.10
C VAL A 63 -3.67 -3.70 8.37
N ASN A 64 -3.35 -2.97 9.44
CA ASN A 64 -4.00 -3.14 10.74
C ASN A 64 -3.68 -4.52 11.31
N GLY A 65 -2.61 -5.13 10.78
CA GLY A 65 -2.20 -6.45 11.22
C GLY A 65 -2.85 -7.55 10.43
N GLU A 66 -3.46 -7.19 9.30
CA GLU A 66 -4.13 -8.16 8.45
C GLU A 66 -3.34 -8.41 7.18
N PRO A 67 -3.12 -9.68 6.81
CA PRO A 67 -2.41 -10.03 5.59
C PRO A 67 -3.20 -9.61 4.36
N VAL A 68 -2.63 -8.75 3.54
CA VAL A 68 -3.30 -8.26 2.36
C VAL A 68 -2.68 -8.82 1.08
N HIS A 69 -1.76 -9.75 1.24
CA HIS A 69 -1.09 -10.36 0.11
C HIS A 69 -2.04 -11.30 -0.64
N GLY A 70 -2.77 -10.73 -1.59
CA GLY A 70 -3.72 -11.51 -2.37
C GLY A 70 -4.99 -10.75 -2.65
N LEU A 71 -5.34 -9.83 -1.76
CA LEU A 71 -6.54 -9.04 -1.89
C LEU A 71 -6.50 -8.12 -3.10
N VAL A 72 -7.67 -7.60 -3.42
CA VAL A 72 -7.81 -6.65 -4.49
C VAL A 72 -7.42 -5.28 -3.97
N HIS A 73 -7.32 -4.31 -4.86
CA HIS A 73 -6.94 -2.96 -4.47
C HIS A 73 -7.94 -2.38 -3.47
N THR A 74 -9.21 -2.64 -3.70
CA THR A 74 -10.26 -2.10 -2.85
C THR A 74 -10.36 -2.80 -1.48
N GLU A 75 -10.02 -4.08 -1.41
CA GLU A 75 -10.08 -4.80 -0.14
C GLU A 75 -9.16 -4.17 0.87
N VAL A 76 -7.95 -3.88 0.43
CA VAL A 76 -6.96 -3.26 1.29
C VAL A 76 -7.34 -1.81 1.56
N VAL A 77 -7.90 -1.15 0.53
CA VAL A 77 -8.33 0.25 0.66
C VAL A 77 -9.37 0.36 1.77
N GLU A 78 -10.37 -0.51 1.71
CA GLU A 78 -11.41 -0.54 2.72
C GLU A 78 -10.81 -0.84 4.06
N LEU A 79 -9.98 -1.87 4.08
CA LEU A 79 -9.27 -2.29 5.28
C LEU A 79 -8.68 -1.08 6.00
N ILE A 80 -7.86 -0.32 5.28
CA ILE A 80 -7.26 0.88 5.80
C ILE A 80 -8.34 1.82 6.35
N LEU A 81 -9.32 2.10 5.51
CA LEU A 81 -10.43 2.97 5.89
C LEU A 81 -11.14 2.50 7.18
N LYS A 82 -11.33 1.19 7.30
CA LYS A 82 -12.00 0.61 8.47
C LYS A 82 -11.25 0.80 9.78
N SER A 83 -9.93 1.03 9.71
CA SER A 83 -9.10 1.20 10.90
C SER A 83 -9.72 2.20 11.90
N GLY A 84 -10.05 3.39 11.42
CA GLY A 84 -10.64 4.40 12.29
C GLY A 84 -9.63 5.13 13.14
N ASN A 85 -9.56 6.44 12.98
CA ASN A 85 -8.65 7.31 13.74
C ASN A 85 -7.20 7.17 13.28
N LYS A 86 -6.70 5.96 13.27
CA LYS A 86 -5.36 5.68 12.84
C LYS A 86 -5.33 4.33 12.20
N VAL A 87 -4.28 4.09 11.46
CA VAL A 87 -4.12 2.83 10.77
C VAL A 87 -2.67 2.37 10.82
N ALA A 88 -2.47 1.11 11.19
CA ALA A 88 -1.14 0.54 11.25
C ALA A 88 -0.81 -0.14 9.94
N ILE A 89 0.10 0.46 9.21
CA ILE A 89 0.49 -0.07 7.92
C ILE A 89 1.88 -0.70 7.99
N SER A 90 1.94 -2.01 7.82
CA SER A 90 3.21 -2.71 7.87
C SER A 90 3.94 -2.54 6.54
N THR A 91 4.98 -1.73 6.55
CA THR A 91 5.73 -1.47 5.34
C THR A 91 7.07 -2.21 5.35
N THR A 92 7.46 -2.67 4.18
CA THR A 92 8.70 -3.40 3.99
C THR A 92 9.28 -3.03 2.62
N PRO A 93 10.61 -3.12 2.43
CA PRO A 93 11.26 -2.79 1.16
C PRO A 93 10.59 -3.44 -0.06
N LEU A 94 10.70 -2.74 -1.18
CA LEU A 94 10.15 -3.21 -2.44
C LEU A 94 11.29 -3.64 -3.34
N GLU A 95 11.77 -4.85 -3.10
CA GLU A 95 12.87 -5.37 -3.89
C GLU A 95 12.35 -6.39 -4.88
N ASN A 96 12.68 -6.16 -6.13
CA ASN A 96 12.26 -7.03 -7.21
C ASN A 96 13.27 -6.97 -8.35
N PRO B 1 6.10 -2.37 -18.06
CA PRO B 1 6.49 -1.75 -16.78
C PRO B 1 5.47 -2.04 -15.69
N PHE B 2 5.94 -2.33 -14.48
CA PHE B 2 5.06 -2.62 -13.36
C PHE B 2 4.36 -1.34 -12.88
N ASP B 3 4.93 -0.20 -13.26
CA ASP B 3 4.40 1.11 -12.88
C ASP B 3 3.41 1.62 -13.93
N GLU B 4 2.84 0.71 -14.71
CA GLU B 4 1.86 1.06 -15.73
C GLU B 4 0.54 1.48 -15.09
N ASP B 5 -0.40 1.90 -15.91
CA ASP B 5 -1.71 2.31 -15.42
C ASP B 5 -2.78 1.34 -15.90
N GLN B 6 -2.32 0.32 -16.62
CA GLN B 6 -3.20 -0.70 -17.18
C GLN B 6 -3.82 -1.56 -16.09
N HIS B 7 -3.06 -2.51 -15.58
CA HIS B 7 -3.55 -3.40 -14.54
C HIS B 7 -3.19 -2.85 -13.16
N THR B 8 -2.21 -1.96 -13.14
CA THR B 8 -1.78 -1.35 -11.89
C THR B 8 -2.79 -0.29 -11.46
N GLN B 9 -3.61 -0.64 -10.47
CA GLN B 9 -4.65 0.27 -10.00
C GLN B 9 -4.06 1.40 -9.16
N ILE B 10 -4.83 2.46 -8.99
CA ILE B 10 -4.40 3.62 -8.22
C ILE B 10 -5.60 4.33 -7.59
N THR B 11 -5.57 4.47 -6.28
CA THR B 11 -6.63 5.13 -5.55
C THR B 11 -6.08 5.73 -4.25
N LYS B 12 -6.36 7.02 -4.04
CA LYS B 12 -5.92 7.69 -2.82
C LYS B 12 -6.87 7.28 -1.70
N VAL B 13 -6.32 7.02 -0.54
CA VAL B 13 -7.14 6.57 0.58
C VAL B 13 -7.18 7.62 1.68
N GLY A 1 11.43 -14.68 7.91
CA GLY A 1 10.95 -13.86 9.03
C GLY A 1 9.68 -13.10 8.68
N GLY A 2 8.66 -13.23 9.52
CA GLY A 2 7.41 -12.53 9.29
C GLY A 2 7.43 -11.13 9.86
N SER A 3 7.66 -11.05 11.15
CA SER A 3 7.72 -9.77 11.83
C SER A 3 9.12 -9.18 11.71
N MET A 4 9.22 -8.00 11.13
CA MET A 4 10.52 -7.36 10.94
C MET A 4 10.36 -5.85 10.79
N ARG A 5 9.61 -5.44 9.77
CA ARG A 5 9.41 -4.02 9.50
C ARG A 5 8.34 -3.43 10.41
N PRO A 6 8.66 -2.33 11.11
CA PRO A 6 7.70 -1.66 11.99
C PRO A 6 6.62 -0.94 11.20
N PRO A 7 5.35 -1.27 11.46
CA PRO A 7 4.21 -0.66 10.77
C PRO A 7 4.13 0.85 10.99
N ILE A 8 3.56 1.52 10.01
CA ILE A 8 3.37 2.95 10.06
C ILE A 8 2.01 3.26 10.65
N ILE A 9 1.96 3.49 11.96
CA ILE A 9 0.71 3.79 12.64
C ILE A 9 0.21 5.18 12.26
N ILE A 10 -0.67 5.22 11.28
CA ILE A 10 -1.25 6.47 10.81
C ILE A 10 -2.55 6.75 11.52
N HIS A 11 -2.62 7.91 12.11
CA HIS A 11 -3.80 8.34 12.82
C HIS A 11 -4.82 8.91 11.85
N ARG A 12 -6.09 8.79 12.19
CA ARG A 12 -7.15 9.29 11.34
C ARG A 12 -7.13 10.81 11.25
N ALA A 13 -7.71 11.32 10.18
CA ALA A 13 -7.79 12.75 9.95
C ALA A 13 -9.22 13.15 9.60
N GLY A 14 -9.37 14.14 8.74
CA GLY A 14 -10.69 14.60 8.35
C GLY A 14 -11.47 13.54 7.58
N LYS A 15 -10.99 13.22 6.39
CA LYS A 15 -11.64 12.22 5.55
C LYS A 15 -10.63 11.25 4.94
N LYS A 16 -9.35 11.55 5.10
CA LYS A 16 -8.30 10.70 4.55
C LYS A 16 -7.19 10.50 5.57
N TYR A 17 -6.21 9.67 5.23
CA TYR A 17 -5.08 9.42 6.12
C TYR A 17 -3.90 10.27 5.69
N GLY A 18 -4.06 10.97 4.58
CA GLY A 18 -3.00 11.83 4.11
C GLY A 18 -2.16 11.21 3.02
N PHE A 19 -2.60 10.08 2.48
CA PHE A 19 -1.83 9.45 1.42
C PHE A 19 -2.70 8.85 0.34
N THR A 20 -2.02 8.49 -0.73
CA THR A 20 -2.63 7.89 -1.89
C THR A 20 -2.15 6.47 -2.08
N LEU A 21 -3.08 5.53 -2.08
CA LEU A 21 -2.74 4.15 -2.27
C LEU A 21 -2.89 3.81 -3.74
N ARG A 22 -1.85 3.29 -4.34
CA ARG A 22 -1.89 2.95 -5.75
C ARG A 22 -1.69 1.47 -5.98
N ALA A 23 -2.53 0.91 -6.83
CA ALA A 23 -2.47 -0.48 -7.19
C ALA A 23 -1.77 -0.62 -8.53
N ILE A 24 -0.48 -0.91 -8.47
CA ILE A 24 0.32 -1.06 -9.67
C ILE A 24 0.34 -2.50 -10.16
N ARG A 25 0.14 -2.70 -11.45
CA ARG A 25 0.13 -4.02 -12.05
C ARG A 25 1.41 -4.26 -12.83
N VAL A 26 2.32 -4.98 -12.22
CA VAL A 26 3.61 -5.29 -12.83
C VAL A 26 3.59 -6.75 -13.27
N TYR A 27 4.09 -7.04 -14.45
CA TYR A 27 4.09 -8.41 -14.93
C TYR A 27 4.91 -9.30 -14.01
N MET A 28 4.43 -10.51 -13.84
CA MET A 28 5.09 -11.49 -12.99
C MET A 28 6.36 -12.02 -13.63
N GLY A 29 6.45 -11.86 -14.95
CA GLY A 29 7.62 -12.33 -15.67
C GLY A 29 7.56 -13.82 -15.91
N ASP A 30 6.35 -14.36 -15.88
CA ASP A 30 6.14 -15.79 -16.07
C ASP A 30 5.35 -16.04 -17.35
N SER A 31 4.23 -15.34 -17.49
CA SER A 31 3.37 -15.50 -18.65
C SER A 31 2.58 -14.22 -18.93
N ASP A 32 1.28 -14.27 -18.68
CA ASP A 32 0.40 -13.13 -18.88
C ASP A 32 -0.03 -12.59 -17.53
N VAL A 33 0.16 -13.42 -16.52
CA VAL A 33 -0.19 -13.08 -15.14
C VAL A 33 0.57 -11.83 -14.68
N TYR A 34 -0.07 -11.09 -13.78
CA TYR A 34 0.51 -9.86 -13.27
C TYR A 34 0.71 -9.95 -11.77
N THR A 35 1.34 -8.92 -11.25
CA THR A 35 1.62 -8.80 -9.83
C THR A 35 1.07 -7.49 -9.31
N VAL A 36 -0.06 -7.55 -8.62
CA VAL A 36 -0.67 -6.34 -8.09
C VAL A 36 -0.05 -5.98 -6.75
N HIS A 37 0.63 -4.85 -6.72
CA HIS A 37 1.24 -4.40 -5.50
C HIS A 37 0.52 -3.19 -4.95
N HIS A 38 0.46 -3.13 -3.64
CA HIS A 38 -0.20 -2.04 -2.96
C HIS A 38 0.85 -1.10 -2.43
N MET A 39 1.12 -0.04 -3.17
CA MET A 39 2.14 0.90 -2.79
C MET A 39 1.57 2.30 -2.61
N VAL A 40 2.01 2.96 -1.56
CA VAL A 40 1.61 4.33 -1.31
C VAL A 40 2.33 5.20 -2.33
N TRP A 41 1.57 5.87 -3.16
CA TRP A 41 2.12 6.67 -4.24
C TRP A 41 2.49 8.08 -3.81
N HIS A 42 1.73 8.64 -2.89
CA HIS A 42 2.01 9.98 -2.43
C HIS A 42 1.57 10.17 -1.00
N VAL A 43 2.27 11.04 -0.29
CA VAL A 43 1.97 11.36 1.09
C VAL A 43 1.90 12.86 1.25
N GLU A 44 0.72 13.36 1.62
CA GLU A 44 0.50 14.77 1.82
C GLU A 44 1.47 15.34 2.85
N ASP A 45 2.08 16.47 2.50
CA ASP A 45 3.04 17.13 3.37
C ASP A 45 2.38 17.56 4.68
N GLY A 46 2.87 17.04 5.79
CA GLY A 46 2.29 17.37 7.08
C GLY A 46 1.06 16.56 7.40
N GLY A 47 0.80 15.55 6.58
CA GLY A 47 -0.34 14.70 6.78
C GLY A 47 -0.10 13.67 7.85
N PRO A 48 -1.15 12.96 8.32
CA PRO A 48 -1.04 11.95 9.37
C PRO A 48 -0.04 10.88 9.01
N ALA A 49 -0.17 10.40 7.79
CA ALA A 49 0.71 9.37 7.28
C ALA A 49 2.15 9.85 7.27
N SER A 50 2.34 11.11 6.93
CA SER A 50 3.67 11.71 6.90
C SER A 50 4.24 11.73 8.30
N GLU A 51 3.36 11.98 9.26
CA GLU A 51 3.74 12.05 10.67
C GLU A 51 4.07 10.65 11.18
N ALA A 52 3.31 9.69 10.70
CA ALA A 52 3.50 8.30 11.07
C ALA A 52 4.78 7.75 10.48
N GLY A 53 5.23 8.35 9.38
CA GLY A 53 6.46 7.92 8.75
C GLY A 53 6.26 7.21 7.43
N LEU A 54 5.03 7.21 6.91
CA LEU A 54 4.74 6.55 5.64
C LEU A 54 5.47 7.26 4.51
N ARG A 55 6.09 6.48 3.66
CA ARG A 55 6.84 7.02 2.54
C ARG A 55 6.27 6.52 1.22
N GLN A 56 6.17 7.41 0.25
CA GLN A 56 5.64 7.04 -1.05
C GLN A 56 6.67 6.28 -1.86
N GLY A 57 6.20 5.26 -2.58
CA GLY A 57 7.07 4.46 -3.40
C GLY A 57 7.54 3.19 -2.70
N ASP A 58 7.06 2.96 -1.48
CA ASP A 58 7.42 1.75 -0.74
C ASP A 58 6.53 0.61 -1.17
N LEU A 59 6.37 -0.37 -0.30
CA LEU A 59 5.54 -1.51 -0.57
C LEU A 59 4.79 -1.88 0.69
N ILE A 60 3.48 -1.74 0.66
CA ILE A 60 2.67 -2.10 1.81
C ILE A 60 2.46 -3.61 1.81
N THR A 61 3.04 -4.27 2.80
CA THR A 61 2.95 -5.72 2.91
C THR A 61 1.78 -6.14 3.80
N HIS A 62 1.47 -5.35 4.82
CA HIS A 62 0.37 -5.67 5.72
C HIS A 62 -0.34 -4.41 6.16
N VAL A 63 -1.64 -4.54 6.36
CA VAL A 63 -2.46 -3.43 6.82
C VAL A 63 -3.17 -3.86 8.09
N ASN A 64 -2.80 -3.26 9.22
CA ASN A 64 -3.38 -3.59 10.52
C ASN A 64 -3.00 -5.00 10.90
N GLY A 65 -1.89 -5.48 10.33
CA GLY A 65 -1.40 -6.81 10.60
C GLY A 65 -2.04 -7.86 9.71
N GLU A 66 -2.80 -7.41 8.71
CA GLU A 66 -3.49 -8.32 7.81
C GLU A 66 -2.72 -8.49 6.51
N PRO A 67 -2.54 -9.74 6.06
CA PRO A 67 -1.84 -10.04 4.80
C PRO A 67 -2.65 -9.54 3.60
N VAL A 68 -2.13 -8.50 2.96
CA VAL A 68 -2.81 -7.92 1.79
C VAL A 68 -2.35 -8.60 0.51
N HIS A 69 -1.39 -9.49 0.64
CA HIS A 69 -0.85 -10.22 -0.51
C HIS A 69 -1.89 -11.20 -1.04
N GLY A 70 -2.68 -10.76 -2.03
CA GLY A 70 -3.68 -11.61 -2.60
C GLY A 70 -5.00 -10.90 -2.83
N LEU A 71 -5.24 -9.81 -2.10
CA LEU A 71 -6.48 -9.08 -2.26
C LEU A 71 -6.41 -8.09 -3.40
N VAL A 72 -7.51 -7.41 -3.60
CA VAL A 72 -7.64 -6.40 -4.62
C VAL A 72 -7.28 -5.03 -4.04
N HIS A 73 -7.41 -4.00 -4.87
CA HIS A 73 -7.11 -2.65 -4.44
C HIS A 73 -8.10 -2.18 -3.36
N THR A 74 -9.36 -2.47 -3.55
CA THR A 74 -10.39 -2.06 -2.61
C THR A 74 -10.33 -2.84 -1.30
N GLU A 75 -9.92 -4.11 -1.34
CA GLU A 75 -9.84 -4.91 -0.12
C GLU A 75 -8.91 -4.26 0.87
N VAL A 76 -7.76 -3.82 0.39
CA VAL A 76 -6.79 -3.17 1.23
C VAL A 76 -7.26 -1.76 1.60
N VAL A 77 -7.90 -1.08 0.66
CA VAL A 77 -8.44 0.26 0.88
C VAL A 77 -9.40 0.23 2.05
N GLU A 78 -10.32 -0.71 2.00
CA GLU A 78 -11.30 -0.87 3.07
C GLU A 78 -10.59 -1.23 4.35
N LEU A 79 -9.71 -2.21 4.22
CA LEU A 79 -8.90 -2.68 5.34
C LEU A 79 -8.32 -1.50 6.13
N ILE A 80 -7.64 -0.60 5.42
CA ILE A 80 -7.10 0.60 6.03
C ILE A 80 -8.18 1.40 6.73
N LEU A 81 -9.24 1.72 5.99
CA LEU A 81 -10.37 2.47 6.53
C LEU A 81 -10.96 1.81 7.78
N LYS A 82 -11.10 0.48 7.75
CA LYS A 82 -11.68 -0.28 8.86
C LYS A 82 -10.86 -0.22 10.15
N SER A 83 -9.62 0.24 10.07
CA SER A 83 -8.75 0.33 11.24
C SER A 83 -9.43 1.07 12.39
N GLY A 84 -9.89 2.28 12.13
CA GLY A 84 -10.54 3.07 13.14
C GLY A 84 -9.56 3.80 14.04
N ASN A 85 -9.57 5.12 13.97
CA ASN A 85 -8.68 5.98 14.77
C ASN A 85 -7.24 5.96 14.26
N LYS A 86 -6.70 4.78 14.02
CA LYS A 86 -5.35 4.65 13.51
C LYS A 86 -5.20 3.35 12.78
N VAL A 87 -4.25 3.32 11.89
CA VAL A 87 -3.99 2.14 11.09
C VAL A 87 -2.50 1.84 11.02
N ALA A 88 -2.14 0.59 11.25
CA ALA A 88 -0.76 0.17 11.21
C ALA A 88 -0.44 -0.37 9.83
N ILE A 89 0.32 0.38 9.08
CA ILE A 89 0.68 0.00 7.73
C ILE A 89 2.12 -0.51 7.66
N SER A 90 2.26 -1.81 7.49
CA SER A 90 3.57 -2.44 7.41
C SER A 90 4.19 -2.17 6.04
N THR A 91 5.24 -1.37 6.03
CA THR A 91 5.92 -1.00 4.80
C THR A 91 7.21 -1.78 4.60
N THR A 92 7.75 -1.69 3.40
CA THR A 92 8.99 -2.36 3.03
C THR A 92 9.43 -1.80 1.67
N PRO A 93 10.75 -1.78 1.37
CA PRO A 93 11.26 -1.27 0.10
C PRO A 93 10.58 -1.87 -1.14
N LEU A 94 10.51 -1.08 -2.19
CA LEU A 94 9.92 -1.51 -3.45
C LEU A 94 11.04 -1.81 -4.43
N GLU A 95 11.65 -2.97 -4.25
CA GLU A 95 12.73 -3.38 -5.11
C GLU A 95 12.20 -4.36 -6.13
N ASN A 96 12.43 -4.06 -7.39
CA ASN A 96 11.96 -4.89 -8.48
C ASN A 96 12.87 -4.75 -9.69
N PRO B 1 13.93 -0.93 -16.00
CA PRO B 1 12.63 -0.24 -16.02
C PRO B 1 11.50 -1.23 -15.79
N PHE B 2 10.35 -0.73 -15.37
CA PHE B 2 9.18 -1.56 -15.13
C PHE B 2 8.54 -1.89 -16.48
N ASP B 3 7.89 -3.04 -16.58
CA ASP B 3 7.25 -3.45 -17.82
C ASP B 3 6.09 -2.54 -18.19
N GLU B 4 4.89 -2.87 -17.74
CA GLU B 4 3.71 -2.08 -18.06
C GLU B 4 2.64 -2.22 -17.00
N ASP B 5 2.20 -1.10 -16.45
CA ASP B 5 1.16 -1.09 -15.44
C ASP B 5 -0.18 -1.38 -16.11
N GLN B 6 -0.67 -2.59 -15.91
CA GLN B 6 -1.93 -3.02 -16.54
C GLN B 6 -3.13 -2.31 -15.93
N HIS B 7 -3.69 -2.90 -14.88
CA HIS B 7 -4.86 -2.33 -14.23
C HIS B 7 -4.46 -1.24 -13.27
N THR B 8 -4.33 -0.02 -13.79
CA THR B 8 -3.96 1.13 -13.01
C THR B 8 -5.08 1.55 -12.07
N GLN B 9 -5.04 1.08 -10.83
CA GLN B 9 -6.06 1.42 -9.85
C GLN B 9 -5.50 2.41 -8.84
N ILE B 10 -6.21 3.50 -8.62
CA ILE B 10 -5.76 4.53 -7.70
C ILE B 10 -6.91 5.02 -6.81
N THR B 11 -6.67 5.07 -5.52
CA THR B 11 -7.67 5.55 -4.57
C THR B 11 -7.01 6.17 -3.35
N LYS B 12 -7.39 7.40 -3.03
CA LYS B 12 -6.88 8.08 -1.85
C LYS B 12 -7.64 7.55 -0.64
N VAL B 13 -6.95 7.37 0.47
CA VAL B 13 -7.60 6.83 1.64
C VAL B 13 -7.29 7.69 2.86
N GLY A 1 11.81 -14.76 8.66
CA GLY A 1 11.61 -13.38 9.15
C GLY A 1 10.22 -12.85 8.85
N GLY A 2 9.51 -12.45 9.89
CA GLY A 2 8.16 -11.94 9.72
C GLY A 2 8.05 -10.49 10.14
N SER A 3 8.51 -10.19 11.34
CA SER A 3 8.47 -8.83 11.86
C SER A 3 9.87 -8.22 11.87
N MET A 4 10.20 -7.52 10.80
CA MET A 4 11.49 -6.87 10.66
C MET A 4 11.33 -5.41 10.28
N ARG A 5 10.39 -5.14 9.38
CA ARG A 5 10.14 -3.79 8.92
C ARG A 5 9.07 -3.13 9.79
N PRO A 6 9.39 -1.97 10.38
CA PRO A 6 8.46 -1.24 11.23
C PRO A 6 7.31 -0.61 10.42
N PRO A 7 6.06 -0.79 10.86
CA PRO A 7 4.91 -0.24 10.15
C PRO A 7 4.85 1.28 10.23
N ILE A 8 4.16 1.86 9.27
CA ILE A 8 4.00 3.29 9.19
C ILE A 8 2.66 3.69 9.81
N ILE A 9 2.67 4.00 11.09
CA ILE A 9 1.46 4.39 11.80
C ILE A 9 0.99 5.78 11.36
N ILE A 10 0.05 5.80 10.44
CA ILE A 10 -0.50 7.03 9.91
C ILE A 10 -1.78 7.41 10.64
N HIS A 11 -1.91 8.69 10.94
CA HIS A 11 -3.10 9.20 11.61
C HIS A 11 -4.17 9.56 10.59
N ARG A 12 -5.43 9.40 10.96
CA ARG A 12 -6.54 9.71 10.09
C ARG A 12 -6.65 11.21 9.87
N ALA A 13 -6.96 11.60 8.63
CA ALA A 13 -7.10 13.01 8.28
C ALA A 13 -8.46 13.24 7.63
N GLY A 14 -9.50 12.80 8.31
CA GLY A 14 -10.84 12.95 7.80
C GLY A 14 -11.26 11.75 6.98
N LYS A 15 -11.05 11.81 5.69
CA LYS A 15 -11.40 10.71 4.80
C LYS A 15 -10.15 10.00 4.30
N LYS A 16 -9.04 10.74 4.27
CA LYS A 16 -7.78 10.21 3.80
C LYS A 16 -6.75 10.15 4.92
N TYR A 17 -5.58 9.63 4.58
CA TYR A 17 -4.46 9.53 5.52
C TYR A 17 -3.30 10.34 5.00
N GLY A 18 -3.44 10.85 3.79
CA GLY A 18 -2.39 11.67 3.23
C GLY A 18 -1.63 11.01 2.11
N PHE A 19 -2.12 9.90 1.60
CA PHE A 19 -1.43 9.24 0.50
C PHE A 19 -2.37 8.67 -0.55
N THR A 20 -1.75 8.23 -1.62
CA THR A 20 -2.44 7.63 -2.74
C THR A 20 -2.03 6.17 -2.88
N LEU A 21 -2.99 5.28 -2.71
CA LEU A 21 -2.72 3.86 -2.85
C LEU A 21 -3.05 3.45 -4.26
N ARG A 22 -2.09 2.87 -4.95
CA ARG A 22 -2.31 2.45 -6.32
C ARG A 22 -1.96 0.99 -6.51
N ALA A 23 -2.88 0.26 -7.11
CA ALA A 23 -2.68 -1.14 -7.38
C ALA A 23 -1.85 -1.29 -8.64
N ILE A 24 -0.57 -1.55 -8.48
CA ILE A 24 0.33 -1.68 -9.61
C ILE A 24 0.32 -3.11 -10.16
N ARG A 25 0.45 -3.21 -11.47
CA ARG A 25 0.42 -4.49 -12.14
C ARG A 25 1.83 -4.87 -12.61
N VAL A 26 2.39 -5.89 -11.99
CA VAL A 26 3.72 -6.36 -12.34
C VAL A 26 3.65 -7.77 -12.89
N TYR A 27 4.17 -7.97 -14.09
CA TYR A 27 4.17 -9.28 -14.70
C TYR A 27 5.22 -10.16 -14.06
N MET A 28 4.88 -11.42 -13.92
CA MET A 28 5.78 -12.40 -13.34
C MET A 28 6.93 -12.69 -14.31
N GLY A 29 8.13 -12.80 -13.77
CA GLY A 29 9.30 -13.05 -14.61
C GLY A 29 9.46 -14.52 -14.97
N ASP A 30 8.44 -15.09 -15.57
CA ASP A 30 8.46 -16.50 -15.97
C ASP A 30 7.32 -16.79 -16.96
N SER A 31 6.10 -16.53 -16.55
CA SER A 31 4.95 -16.78 -17.39
C SER A 31 4.32 -15.46 -17.85
N ASP A 32 3.04 -15.50 -18.21
CA ASP A 32 2.33 -14.31 -18.68
C ASP A 32 1.45 -13.76 -17.59
N VAL A 33 1.33 -14.51 -16.52
CA VAL A 33 0.53 -14.13 -15.38
C VAL A 33 1.05 -12.84 -14.74
N TYR A 34 0.13 -12.09 -14.18
CA TYR A 34 0.47 -10.82 -13.55
C TYR A 34 0.50 -10.96 -12.05
N THR A 35 0.94 -9.90 -11.42
CA THR A 35 1.04 -9.82 -9.99
C THR A 35 0.62 -8.43 -9.54
N VAL A 36 -0.55 -8.33 -8.93
CA VAL A 36 -1.06 -7.05 -8.47
C VAL A 36 -0.52 -6.71 -7.09
N HIS A 37 0.32 -5.69 -7.02
CA HIS A 37 0.92 -5.26 -5.77
C HIS A 37 0.28 -3.95 -5.33
N HIS A 38 0.26 -3.73 -4.02
CA HIS A 38 -0.32 -2.51 -3.47
C HIS A 38 0.80 -1.56 -3.05
N MET A 39 1.04 -0.56 -3.87
CA MET A 39 2.09 0.40 -3.60
C MET A 39 1.55 1.80 -3.47
N VAL A 40 2.06 2.53 -2.48
CA VAL A 40 1.70 3.91 -2.28
C VAL A 40 2.33 4.71 -3.41
N TRP A 41 1.50 5.31 -4.24
CA TRP A 41 1.95 6.04 -5.41
C TRP A 41 2.39 7.46 -5.10
N HIS A 42 1.72 8.11 -4.16
CA HIS A 42 2.07 9.48 -3.83
C HIS A 42 1.70 9.79 -2.39
N VAL A 43 2.50 10.63 -1.75
CA VAL A 43 2.27 11.03 -0.38
C VAL A 43 2.23 12.54 -0.30
N GLU A 44 1.19 13.07 0.31
CA GLU A 44 1.01 14.50 0.46
C GLU A 44 2.22 15.12 1.17
N ASP A 45 2.71 16.22 0.61
CA ASP A 45 3.86 16.92 1.16
C ASP A 45 3.58 17.41 2.57
N GLY A 46 4.16 16.74 3.55
CA GLY A 46 3.95 17.11 4.93
C GLY A 46 2.65 16.56 5.48
N GLY A 47 2.08 15.57 4.78
CA GLY A 47 0.83 14.97 5.20
C GLY A 47 1.02 13.99 6.35
N PRO A 48 -0.06 13.43 6.89
CA PRO A 48 -0.01 12.49 8.02
C PRO A 48 0.85 11.30 7.69
N ALA A 49 0.62 10.74 6.53
CA ALA A 49 1.38 9.59 6.06
C ALA A 49 2.86 9.96 5.93
N SER A 50 3.12 11.17 5.48
CA SER A 50 4.48 11.66 5.32
C SER A 50 5.15 11.74 6.68
N GLU A 51 4.35 12.16 7.66
CA GLU A 51 4.83 12.30 9.04
C GLU A 51 5.07 10.94 9.64
N ALA A 52 4.22 10.00 9.28
CA ALA A 52 4.31 8.64 9.76
C ALA A 52 5.52 7.94 9.18
N GLY A 53 5.96 8.40 8.01
CA GLY A 53 7.13 7.81 7.38
C GLY A 53 6.81 7.09 6.08
N LEU A 54 5.58 7.18 5.61
CA LEU A 54 5.19 6.52 4.37
C LEU A 54 5.84 7.21 3.19
N ARG A 55 6.43 6.42 2.33
CA ARG A 55 7.10 6.93 1.14
C ARG A 55 6.51 6.29 -0.11
N GLN A 56 6.27 7.11 -1.12
CA GLN A 56 5.69 6.61 -2.36
C GLN A 56 6.71 5.77 -3.13
N GLY A 57 6.23 4.68 -3.70
CA GLY A 57 7.08 3.80 -4.47
C GLY A 57 7.57 2.60 -3.69
N ASP A 58 7.09 2.43 -2.47
CA ASP A 58 7.49 1.27 -1.67
C ASP A 58 6.55 0.12 -1.96
N LEU A 59 6.48 -0.83 -1.04
CA LEU A 59 5.61 -1.95 -1.19
C LEU A 59 4.90 -2.21 0.11
N ILE A 60 3.61 -2.01 0.11
CA ILE A 60 2.84 -2.27 1.31
C ILE A 60 2.58 -3.77 1.42
N THR A 61 3.24 -4.41 2.37
CA THR A 61 3.10 -5.84 2.57
C THR A 61 1.95 -6.18 3.51
N HIS A 62 1.72 -5.33 4.52
CA HIS A 62 0.64 -5.58 5.47
C HIS A 62 -0.03 -4.28 5.89
N VAL A 63 -1.29 -4.38 6.25
CA VAL A 63 -2.06 -3.24 6.71
C VAL A 63 -2.74 -3.60 8.03
N ASN A 64 -2.37 -2.89 9.09
CA ASN A 64 -2.93 -3.15 10.43
C ASN A 64 -2.54 -4.55 10.89
N GLY A 65 -1.48 -5.08 10.29
CA GLY A 65 -1.01 -6.40 10.64
C GLY A 65 -1.73 -7.50 9.89
N GLU A 66 -2.37 -7.13 8.78
CA GLU A 66 -3.12 -8.09 7.98
C GLU A 66 -2.45 -8.29 6.63
N PRO A 67 -2.28 -9.54 6.19
CA PRO A 67 -1.68 -9.85 4.88
C PRO A 67 -2.59 -9.40 3.75
N VAL A 68 -2.12 -8.42 3.00
CA VAL A 68 -2.89 -7.88 1.89
C VAL A 68 -2.47 -8.47 0.55
N HIS A 69 -1.41 -9.26 0.56
CA HIS A 69 -0.92 -9.87 -0.67
C HIS A 69 -1.85 -10.99 -1.09
N GLY A 70 -2.73 -10.69 -2.03
CA GLY A 70 -3.67 -11.67 -2.52
C GLY A 70 -5.05 -11.09 -2.70
N LEU A 71 -5.38 -10.08 -1.89
CA LEU A 71 -6.69 -9.44 -1.98
C LEU A 71 -6.76 -8.49 -3.15
N VAL A 72 -7.94 -7.92 -3.31
CA VAL A 72 -8.17 -6.92 -4.35
C VAL A 72 -7.69 -5.57 -3.85
N HIS A 73 -7.67 -4.60 -4.73
CA HIS A 73 -7.23 -3.26 -4.36
C HIS A 73 -8.13 -2.68 -3.27
N THR A 74 -9.43 -2.92 -3.39
CA THR A 74 -10.39 -2.41 -2.43
C THR A 74 -10.31 -3.10 -1.07
N GLU A 75 -9.97 -4.40 -1.04
CA GLU A 75 -9.89 -5.10 0.23
C GLU A 75 -8.88 -4.45 1.14
N VAL A 76 -7.75 -4.10 0.57
CA VAL A 76 -6.69 -3.45 1.32
C VAL A 76 -7.08 -2.01 1.64
N VAL A 77 -7.81 -1.38 0.71
CA VAL A 77 -8.27 -0.01 0.89
C VAL A 77 -9.21 0.05 2.10
N GLU A 78 -10.16 -0.87 2.13
CA GLU A 78 -11.11 -0.98 3.23
C GLU A 78 -10.35 -1.20 4.51
N LEU A 79 -9.48 -2.18 4.45
CA LEU A 79 -8.61 -2.53 5.57
C LEU A 79 -8.03 -1.27 6.21
N ILE A 80 -7.36 -0.46 5.39
CA ILE A 80 -6.81 0.81 5.84
C ILE A 80 -7.90 1.67 6.48
N LEU A 81 -8.97 1.88 5.73
CA LEU A 81 -10.10 2.68 6.21
C LEU A 81 -10.63 2.19 7.57
N LYS A 82 -10.71 0.87 7.75
CA LYS A 82 -11.22 0.27 8.98
C LYS A 82 -10.26 0.34 10.17
N SER A 83 -9.03 0.80 9.94
CA SER A 83 -8.04 0.91 11.02
C SER A 83 -8.61 1.58 12.27
N GLY A 84 -8.95 2.86 12.14
CA GLY A 84 -9.51 3.59 13.26
C GLY A 84 -8.52 4.53 13.90
N ASN A 85 -8.62 5.81 13.55
CA ASN A 85 -7.74 6.86 14.08
C ASN A 85 -6.34 6.80 13.51
N LYS A 86 -5.78 5.61 13.37
CA LYS A 86 -4.48 5.42 12.80
C LYS A 86 -4.39 4.06 12.18
N VAL A 87 -3.49 3.94 11.25
CA VAL A 87 -3.30 2.69 10.54
C VAL A 87 -1.83 2.33 10.46
N ALA A 88 -1.51 1.09 10.77
CA ALA A 88 -0.14 0.61 10.70
C ALA A 88 0.11 -0.03 9.35
N ILE A 89 0.90 0.62 8.56
CA ILE A 89 1.20 0.13 7.22
C ILE A 89 2.62 -0.41 7.13
N SER A 90 2.74 -1.71 6.98
CA SER A 90 4.04 -2.36 6.87
C SER A 90 4.62 -2.13 5.47
N THR A 91 5.71 -1.41 5.41
CA THR A 91 6.34 -1.09 4.14
C THR A 91 7.60 -1.91 3.91
N THR A 92 8.10 -1.85 2.69
CA THR A 92 9.30 -2.56 2.28
C THR A 92 9.66 -2.10 0.87
N PRO A 93 10.95 -2.10 0.49
CA PRO A 93 11.40 -1.68 -0.85
C PRO A 93 10.64 -2.35 -1.99
N LEU A 94 10.53 -1.62 -3.10
CA LEU A 94 9.88 -2.12 -4.29
C LEU A 94 10.94 -2.42 -5.34
N GLU A 95 11.65 -3.51 -5.13
CA GLU A 95 12.70 -3.90 -6.05
C GLU A 95 12.14 -4.86 -7.07
N ASN A 96 12.27 -4.50 -8.33
CA ASN A 96 11.77 -5.32 -9.42
C ASN A 96 12.32 -4.81 -10.76
N PRO B 1 12.70 -1.42 -12.58
CA PRO B 1 11.83 -0.43 -11.89
C PRO B 1 10.44 -0.43 -12.51
N PHE B 2 9.42 -0.62 -11.67
CA PHE B 2 8.03 -0.62 -12.12
C PHE B 2 7.81 -1.79 -13.11
N ASP B 3 6.68 -1.77 -13.82
CA ASP B 3 6.39 -2.84 -14.78
C ASP B 3 5.31 -2.41 -15.76
N GLU B 4 4.06 -2.46 -15.32
CA GLU B 4 2.95 -2.07 -16.17
C GLU B 4 1.98 -1.13 -15.45
N ASP B 5 1.35 -0.26 -16.22
CA ASP B 5 0.40 0.71 -15.66
C ASP B 5 -0.82 0.81 -16.58
N GLN B 6 -1.08 -0.25 -17.33
CA GLN B 6 -2.23 -0.28 -18.23
C GLN B 6 -3.49 -0.67 -17.45
N HIS B 7 -3.41 -1.75 -16.71
CA HIS B 7 -4.53 -2.21 -15.90
C HIS B 7 -4.17 -2.06 -14.43
N THR B 8 -4.26 -0.83 -13.95
CA THR B 8 -3.94 -0.52 -12.58
C THR B 8 -5.09 0.24 -11.94
N GLN B 9 -5.01 0.47 -10.62
CA GLN B 9 -6.06 1.18 -9.93
C GLN B 9 -5.47 2.27 -9.04
N ILE B 10 -6.29 3.20 -8.59
CA ILE B 10 -5.83 4.29 -7.75
C ILE B 10 -6.91 4.71 -6.76
N THR B 11 -6.54 4.78 -5.49
CA THR B 11 -7.47 5.17 -4.45
C THR B 11 -6.83 6.17 -3.49
N LYS B 12 -7.52 7.27 -3.31
CA LYS B 12 -7.07 8.33 -2.42
C LYS B 12 -7.47 7.98 -0.98
N VAL B 13 -6.51 7.54 -0.19
CA VAL B 13 -6.77 7.14 1.17
C VAL B 13 -5.60 7.56 2.06
N GLY A 1 11.18 -15.06 8.66
CA GLY A 1 10.44 -14.33 9.71
C GLY A 1 9.58 -13.23 9.14
N GLY A 2 8.30 -13.26 9.45
CA GLY A 2 7.39 -12.25 8.94
C GLY A 2 7.46 -10.96 9.73
N SER A 3 7.47 -11.09 11.05
CA SER A 3 7.53 -9.93 11.93
C SER A 3 8.95 -9.34 11.95
N MET A 4 9.06 -8.11 11.46
CA MET A 4 10.35 -7.43 11.42
C MET A 4 10.15 -5.94 11.15
N ARG A 5 9.51 -5.62 10.05
CA ARG A 5 9.26 -4.24 9.67
C ARG A 5 8.13 -3.66 10.51
N PRO A 6 8.42 -2.58 11.25
CA PRO A 6 7.43 -1.92 12.11
C PRO A 6 6.34 -1.22 11.30
N PRO A 7 5.07 -1.41 11.66
CA PRO A 7 3.96 -0.78 10.95
C PRO A 7 3.92 0.73 11.13
N ILE A 8 3.43 1.40 10.11
CA ILE A 8 3.29 2.84 10.11
C ILE A 8 1.92 3.21 10.66
N ILE A 9 1.84 3.45 11.96
CA ILE A 9 0.59 3.81 12.61
C ILE A 9 0.13 5.20 12.19
N ILE A 10 -0.75 5.25 11.21
CA ILE A 10 -1.29 6.50 10.71
C ILE A 10 -2.62 6.82 11.35
N HIS A 11 -2.75 8.05 11.80
CA HIS A 11 -3.96 8.52 12.43
C HIS A 11 -4.96 9.00 11.39
N ARG A 12 -6.24 8.91 11.71
CA ARG A 12 -7.29 9.33 10.81
C ARG A 12 -7.38 10.86 10.73
N ALA A 13 -7.53 11.38 9.53
CA ALA A 13 -7.65 12.81 9.32
C ALA A 13 -8.91 13.13 8.53
N GLY A 14 -10.02 13.24 9.24
CA GLY A 14 -11.29 13.55 8.60
C GLY A 14 -11.83 12.35 7.82
N LYS A 15 -11.45 12.26 6.56
CA LYS A 15 -11.90 11.17 5.71
C LYS A 15 -10.72 10.55 4.95
N LYS A 16 -9.51 10.97 5.29
CA LYS A 16 -8.31 10.46 4.64
C LYS A 16 -7.20 10.24 5.66
N TYR A 17 -6.15 9.55 5.25
CA TYR A 17 -5.02 9.31 6.12
C TYR A 17 -3.85 10.17 5.69
N GLY A 18 -4.02 10.85 4.56
CA GLY A 18 -2.99 11.73 4.08
C GLY A 18 -2.10 11.13 3.02
N PHE A 19 -2.51 10.03 2.43
CA PHE A 19 -1.70 9.43 1.39
C PHE A 19 -2.51 8.82 0.26
N THR A 20 -1.79 8.52 -0.79
CA THR A 20 -2.34 7.92 -1.99
C THR A 20 -1.89 6.48 -2.12
N LEU A 21 -2.84 5.57 -2.16
CA LEU A 21 -2.53 4.18 -2.33
C LEU A 21 -2.68 3.83 -3.80
N ARG A 22 -1.64 3.30 -4.40
CA ARG A 22 -1.68 2.96 -5.80
C ARG A 22 -1.40 1.49 -6.03
N ALA A 23 -2.25 0.90 -6.84
CA ALA A 23 -2.15 -0.50 -7.20
C ALA A 23 -1.31 -0.64 -8.46
N ILE A 24 -0.05 -1.02 -8.29
CA ILE A 24 0.84 -1.20 -9.42
C ILE A 24 0.85 -2.64 -9.89
N ARG A 25 0.72 -2.84 -11.19
CA ARG A 25 0.68 -4.17 -11.77
C ARG A 25 2.02 -4.52 -12.40
N VAL A 26 2.64 -5.58 -11.90
CA VAL A 26 3.91 -6.07 -12.41
C VAL A 26 3.67 -7.45 -13.02
N TYR A 27 4.68 -8.06 -13.61
CA TYR A 27 4.51 -9.37 -14.19
C TYR A 27 5.54 -10.34 -13.66
N MET A 28 5.15 -11.59 -13.58
CA MET A 28 6.02 -12.64 -13.12
C MET A 28 6.71 -13.30 -14.31
N GLY A 29 8.02 -13.20 -14.35
CA GLY A 29 8.79 -13.79 -15.43
C GLY A 29 8.75 -15.31 -15.39
N ASP A 30 7.69 -15.88 -15.97
CA ASP A 30 7.51 -17.32 -16.00
C ASP A 30 6.27 -17.66 -16.82
N SER A 31 5.16 -17.04 -16.46
CA SER A 31 3.89 -17.28 -17.12
C SER A 31 3.24 -15.95 -17.52
N ASP A 32 1.92 -15.95 -17.65
CA ASP A 32 1.18 -14.75 -18.04
C ASP A 32 0.54 -14.13 -16.82
N VAL A 33 0.95 -14.63 -15.67
CA VAL A 33 0.42 -14.15 -14.41
C VAL A 33 1.07 -12.82 -14.04
N TYR A 34 0.28 -11.98 -13.39
CA TYR A 34 0.74 -10.67 -13.00
C TYR A 34 0.94 -10.59 -11.49
N THR A 35 1.62 -9.55 -11.08
CA THR A 35 1.90 -9.32 -9.68
C THR A 35 1.40 -7.94 -9.28
N VAL A 36 0.22 -7.89 -8.67
CA VAL A 36 -0.35 -6.63 -8.25
C VAL A 36 0.15 -6.25 -6.85
N HIS A 37 0.83 -5.12 -6.77
CA HIS A 37 1.36 -4.65 -5.50
C HIS A 37 0.63 -3.40 -5.05
N HIS A 38 0.56 -3.21 -3.75
CA HIS A 38 -0.10 -2.05 -3.17
C HIS A 38 0.95 -1.12 -2.60
N MET A 39 1.25 -0.06 -3.33
CA MET A 39 2.27 0.88 -2.91
C MET A 39 1.72 2.29 -2.74
N VAL A 40 2.15 2.95 -1.68
CA VAL A 40 1.76 4.33 -1.43
C VAL A 40 2.49 5.19 -2.45
N TRP A 41 1.75 5.90 -3.27
CA TRP A 41 2.32 6.71 -4.33
C TRP A 41 2.73 8.10 -3.87
N HIS A 42 1.99 8.65 -2.93
CA HIS A 42 2.30 9.99 -2.44
C HIS A 42 1.77 10.18 -1.03
N VAL A 43 2.41 11.06 -0.28
CA VAL A 43 2.00 11.36 1.08
C VAL A 43 1.95 12.86 1.28
N GLU A 44 0.79 13.37 1.71
CA GLU A 44 0.60 14.78 1.93
C GLU A 44 1.67 15.34 2.87
N ASP A 45 2.28 16.45 2.47
CA ASP A 45 3.34 17.08 3.27
C ASP A 45 2.83 17.45 4.66
N GLY A 46 3.39 16.80 5.66
CA GLY A 46 2.98 17.07 7.03
C GLY A 46 1.68 16.39 7.41
N GLY A 47 1.24 15.46 6.57
CA GLY A 47 0.01 14.75 6.83
C GLY A 47 0.18 13.68 7.90
N PRO A 48 -0.92 12.99 8.27
CA PRO A 48 -0.89 11.95 9.31
C PRO A 48 0.08 10.85 8.95
N ALA A 49 -0.06 10.36 7.74
CA ALA A 49 0.81 9.30 7.25
C ALA A 49 2.25 9.75 7.23
N SER A 50 2.46 11.03 6.90
CA SER A 50 3.78 11.60 6.86
C SER A 50 4.37 11.62 8.28
N GLU A 51 3.51 11.87 9.23
CA GLU A 51 3.88 11.92 10.65
C GLU A 51 4.13 10.51 11.17
N ALA A 52 3.43 9.56 10.59
CA ALA A 52 3.54 8.16 10.97
C ALA A 52 4.82 7.56 10.40
N GLY A 53 5.34 8.16 9.34
CA GLY A 53 6.56 7.68 8.74
C GLY A 53 6.35 6.96 7.43
N LEU A 54 5.14 7.03 6.88
CA LEU A 54 4.85 6.38 5.61
C LEU A 54 5.63 7.06 4.49
N ARG A 55 6.27 6.26 3.67
CA ARG A 55 7.07 6.76 2.57
C ARG A 55 6.49 6.31 1.24
N GLN A 56 6.32 7.25 0.33
CA GLN A 56 5.78 6.93 -0.99
C GLN A 56 6.81 6.20 -1.84
N GLY A 57 6.37 5.12 -2.47
CA GLY A 57 7.25 4.34 -3.31
C GLY A 57 7.70 3.06 -2.65
N ASP A 58 7.20 2.79 -1.44
CA ASP A 58 7.55 1.58 -0.71
C ASP A 58 6.62 0.45 -1.14
N LEU A 59 6.41 -0.51 -0.25
CA LEU A 59 5.54 -1.61 -0.51
C LEU A 59 4.78 -1.96 0.73
N ILE A 60 3.48 -1.79 0.69
CA ILE A 60 2.65 -2.14 1.82
C ILE A 60 2.40 -3.65 1.79
N THR A 61 2.89 -4.35 2.79
CA THR A 61 2.72 -5.80 2.84
C THR A 61 1.54 -6.20 3.72
N HIS A 62 1.29 -5.46 4.79
CA HIS A 62 0.18 -5.79 5.68
C HIS A 62 -0.51 -4.53 6.17
N VAL A 63 -1.80 -4.64 6.40
CA VAL A 63 -2.61 -3.53 6.90
C VAL A 63 -3.37 -3.98 8.14
N ASN A 64 -3.07 -3.35 9.26
CA ASN A 64 -3.71 -3.67 10.54
C ASN A 64 -3.39 -5.10 10.96
N GLY A 65 -2.30 -5.62 10.40
CA GLY A 65 -1.87 -6.97 10.70
C GLY A 65 -2.54 -8.00 9.83
N GLU A 66 -3.01 -7.58 8.66
CA GLU A 66 -3.68 -8.48 7.74
C GLU A 66 -2.93 -8.60 6.42
N PRO A 67 -2.86 -9.81 5.85
CA PRO A 67 -2.18 -10.04 4.58
C PRO A 67 -3.01 -9.51 3.41
N VAL A 68 -2.53 -8.45 2.80
CA VAL A 68 -3.22 -7.82 1.68
C VAL A 68 -2.82 -8.45 0.35
N HIS A 69 -1.77 -9.26 0.37
CA HIS A 69 -1.30 -9.91 -0.84
C HIS A 69 -2.31 -10.95 -1.30
N GLY A 70 -3.09 -10.59 -2.31
CA GLY A 70 -4.08 -11.47 -2.84
C GLY A 70 -5.41 -10.77 -3.06
N LEU A 71 -5.68 -9.75 -2.26
CA LEU A 71 -6.93 -9.01 -2.39
C LEU A 71 -6.84 -8.01 -3.53
N VAL A 72 -7.94 -7.31 -3.73
CA VAL A 72 -8.01 -6.26 -4.74
C VAL A 72 -7.54 -4.96 -4.13
N HIS A 73 -7.50 -3.91 -4.92
CA HIS A 73 -7.07 -2.61 -4.45
C HIS A 73 -8.03 -2.09 -3.38
N THR A 74 -9.32 -2.27 -3.60
CA THR A 74 -10.33 -1.79 -2.68
C THR A 74 -10.36 -2.61 -1.38
N GLU A 75 -10.04 -3.90 -1.44
CA GLU A 75 -10.06 -4.72 -0.24
C GLU A 75 -9.08 -4.18 0.79
N VAL A 76 -7.91 -3.81 0.29
CA VAL A 76 -6.88 -3.26 1.15
C VAL A 76 -7.24 -1.83 1.57
N VAL A 77 -7.89 -1.10 0.65
CA VAL A 77 -8.34 0.27 0.92
C VAL A 77 -9.32 0.25 2.07
N GLU A 78 -10.29 -0.65 1.98
CA GLU A 78 -11.27 -0.80 3.03
C GLU A 78 -10.61 -1.20 4.31
N LEU A 79 -9.75 -2.19 4.19
CA LEU A 79 -8.96 -2.69 5.32
C LEU A 79 -8.39 -1.53 6.12
N ILE A 80 -7.66 -0.66 5.43
CA ILE A 80 -7.10 0.53 6.04
C ILE A 80 -8.17 1.35 6.73
N LEU A 81 -9.21 1.68 5.98
CA LEU A 81 -10.34 2.44 6.51
C LEU A 81 -10.97 1.79 7.77
N LYS A 82 -11.09 0.47 7.75
CA LYS A 82 -11.67 -0.29 8.86
C LYS A 82 -10.82 -0.28 10.13
N SER A 83 -9.63 0.32 10.08
CA SER A 83 -8.74 0.37 11.24
C SER A 83 -9.42 1.01 12.45
N GLY A 84 -9.91 2.23 12.28
CA GLY A 84 -10.56 2.92 13.37
C GLY A 84 -9.61 3.82 14.12
N ASN A 85 -9.67 5.12 13.82
CA ASN A 85 -8.82 6.15 14.46
C ASN A 85 -7.38 6.12 13.96
N LYS A 86 -6.79 4.94 13.86
CA LYS A 86 -5.44 4.79 13.36
C LYS A 86 -5.29 3.46 12.70
N VAL A 87 -4.35 3.40 11.80
CA VAL A 87 -4.12 2.20 11.04
C VAL A 87 -2.63 1.84 11.02
N ALA A 88 -2.36 0.56 11.21
CA ALA A 88 -0.99 0.08 11.17
C ALA A 88 -0.67 -0.42 9.78
N ILE A 89 0.29 0.21 9.14
CA ILE A 89 0.66 -0.17 7.78
C ILE A 89 2.09 -0.69 7.73
N SER A 90 2.23 -1.98 7.50
CA SER A 90 3.54 -2.60 7.42
C SER A 90 4.17 -2.31 6.06
N THR A 91 5.25 -1.55 6.07
CA THR A 91 5.92 -1.17 4.83
C THR A 91 7.25 -1.89 4.67
N THR A 92 7.66 -2.05 3.41
CA THR A 92 8.90 -2.70 3.06
C THR A 92 9.39 -2.12 1.73
N PRO A 93 10.71 -2.11 1.46
CA PRO A 93 11.26 -1.59 0.20
C PRO A 93 10.58 -2.15 -1.04
N LEU A 94 10.55 -1.36 -2.09
CA LEU A 94 9.95 -1.75 -3.36
C LEU A 94 11.06 -2.05 -4.36
N GLU A 95 11.78 -3.11 -4.11
CA GLU A 95 12.86 -3.51 -5.00
C GLU A 95 12.31 -4.50 -6.01
N ASN A 96 12.47 -4.14 -7.26
CA ASN A 96 11.99 -4.96 -8.37
C ASN A 96 12.72 -4.56 -9.64
N PRO B 1 10.03 4.55 -14.70
CA PRO B 1 9.40 3.54 -15.58
C PRO B 1 8.87 2.38 -14.74
N PHE B 2 7.97 1.59 -15.32
CA PHE B 2 7.39 0.46 -14.63
C PHE B 2 7.19 -0.71 -15.58
N ASP B 3 6.55 -1.75 -15.08
CA ASP B 3 6.30 -2.95 -15.87
C ASP B 3 4.97 -2.81 -16.62
N GLU B 4 4.28 -3.92 -16.84
CA GLU B 4 3.00 -3.93 -17.53
C GLU B 4 1.89 -3.46 -16.61
N ASP B 5 1.91 -2.18 -16.28
CA ASP B 5 0.94 -1.58 -15.38
C ASP B 5 -0.31 -1.10 -16.13
N GLN B 6 -0.73 -1.85 -17.14
CA GLN B 6 -1.90 -1.49 -17.93
C GLN B 6 -3.14 -1.42 -17.02
N HIS B 7 -3.35 -2.46 -16.25
CA HIS B 7 -4.47 -2.51 -15.32
C HIS B 7 -4.03 -1.97 -13.96
N THR B 8 -4.02 -0.67 -13.82
CA THR B 8 -3.60 -0.02 -12.59
C THR B 8 -4.78 0.61 -11.87
N GLN B 9 -4.70 0.60 -10.54
CA GLN B 9 -5.75 1.19 -9.72
C GLN B 9 -5.16 2.31 -8.86
N ILE B 10 -5.93 3.37 -8.65
CA ILE B 10 -5.47 4.50 -7.87
C ILE B 10 -6.59 5.00 -6.96
N THR B 11 -6.33 5.01 -5.66
CA THR B 11 -7.32 5.47 -4.70
C THR B 11 -6.67 6.07 -3.45
N LYS B 12 -6.95 7.34 -3.19
CA LYS B 12 -6.43 7.99 -1.99
C LYS B 12 -7.28 7.51 -0.82
N VAL B 13 -6.65 7.23 0.31
CA VAL B 13 -7.37 6.72 1.44
C VAL B 13 -7.20 7.61 2.67
N GLY A 1 11.75 -14.93 6.16
CA GLY A 1 11.56 -14.09 7.37
C GLY A 1 10.25 -13.34 7.31
N GLY A 2 9.53 -13.31 8.41
CA GLY A 2 8.25 -12.61 8.46
C GLY A 2 8.40 -11.22 9.02
N SER A 3 8.44 -11.12 10.34
CA SER A 3 8.60 -9.84 11.01
C SER A 3 10.03 -9.34 10.84
N MET A 4 10.18 -8.25 10.12
CA MET A 4 11.50 -7.67 9.88
C MET A 4 11.39 -6.18 9.57
N ARG A 5 10.41 -5.83 8.74
CA ARG A 5 10.20 -4.44 8.35
C ARG A 5 9.21 -3.77 9.28
N PRO A 6 9.63 -2.70 9.96
CA PRO A 6 8.77 -1.96 10.88
C PRO A 6 7.64 -1.23 10.13
N PRO A 7 6.38 -1.49 10.50
CA PRO A 7 5.23 -0.88 9.84
C PRO A 7 5.20 0.64 9.96
N ILE A 8 4.54 1.26 9.01
CA ILE A 8 4.38 2.70 8.96
C ILE A 8 3.06 3.07 9.62
N ILE A 9 3.09 3.33 10.91
CA ILE A 9 1.90 3.69 11.66
C ILE A 9 1.43 5.09 11.26
N ILE A 10 0.48 5.13 10.35
CA ILE A 10 -0.07 6.39 9.87
C ILE A 10 -1.30 6.79 10.66
N HIS A 11 -1.27 7.99 11.18
CA HIS A 11 -2.38 8.51 11.94
C HIS A 11 -3.44 9.08 11.00
N ARG A 12 -4.69 8.98 11.41
CA ARG A 12 -5.79 9.48 10.61
C ARG A 12 -5.80 11.00 10.59
N ALA A 13 -6.15 11.57 9.45
CA ALA A 13 -6.21 13.03 9.32
C ALA A 13 -7.66 13.50 9.45
N GLY A 14 -8.57 12.54 9.48
CA GLY A 14 -9.97 12.87 9.61
C GLY A 14 -10.80 12.18 8.55
N LYS A 15 -10.28 12.19 7.33
CA LYS A 15 -10.96 11.55 6.21
C LYS A 15 -10.00 10.69 5.41
N LYS A 16 -8.76 11.15 5.27
CA LYS A 16 -7.76 10.41 4.52
C LYS A 16 -6.45 10.35 5.31
N TYR A 17 -5.52 9.49 4.88
CA TYR A 17 -4.24 9.35 5.54
C TYR A 17 -3.18 10.22 4.89
N GLY A 18 -3.50 10.77 3.74
CA GLY A 18 -2.58 11.63 3.06
C GLY A 18 -1.78 10.96 1.98
N PHE A 19 -2.11 9.73 1.65
CA PHE A 19 -1.39 9.05 0.59
C PHE A 19 -2.29 8.47 -0.46
N THR A 20 -1.67 8.14 -1.56
CA THR A 20 -2.37 7.55 -2.70
C THR A 20 -1.98 6.10 -2.88
N LEU A 21 -2.96 5.22 -2.86
CA LEU A 21 -2.70 3.83 -3.04
C LEU A 21 -2.96 3.48 -4.49
N ARG A 22 -1.95 2.99 -5.17
CA ARG A 22 -2.07 2.64 -6.56
C ARG A 22 -1.90 1.15 -6.78
N ALA A 23 -2.96 0.52 -7.23
CA ALA A 23 -2.96 -0.91 -7.50
C ALA A 23 -2.31 -1.18 -8.85
N ILE A 24 -1.00 -1.36 -8.83
CA ILE A 24 -0.24 -1.61 -10.06
C ILE A 24 -0.35 -3.06 -10.50
N ARG A 25 -0.62 -3.25 -11.79
CA ARG A 25 -0.74 -4.58 -12.35
C ARG A 25 0.46 -4.90 -13.21
N VAL A 26 1.30 -5.80 -12.71
CA VAL A 26 2.50 -6.21 -13.41
C VAL A 26 2.35 -7.62 -13.92
N TYR A 27 2.45 -7.81 -15.21
CA TYR A 27 2.31 -9.14 -15.78
C TYR A 27 3.45 -10.02 -15.34
N MET A 28 3.14 -11.29 -15.13
CA MET A 28 4.11 -12.28 -14.70
C MET A 28 5.14 -12.55 -15.79
N GLY A 29 4.81 -12.15 -17.02
CA GLY A 29 5.74 -12.33 -18.13
C GLY A 29 5.68 -13.72 -18.75
N ASP A 30 5.84 -14.74 -17.91
CA ASP A 30 5.83 -16.12 -18.38
C ASP A 30 4.41 -16.67 -18.46
N SER A 31 3.43 -15.78 -18.40
CA SER A 31 2.04 -16.19 -18.43
C SER A 31 1.14 -15.00 -18.77
N ASP A 32 -0.16 -15.27 -18.85
CA ASP A 32 -1.15 -14.25 -19.17
C ASP A 32 -1.64 -13.64 -17.86
N VAL A 33 -1.33 -14.33 -16.79
CA VAL A 33 -1.70 -13.89 -15.46
C VAL A 33 -0.88 -12.67 -15.05
N TYR A 34 -1.51 -11.81 -14.28
CA TYR A 34 -0.86 -10.60 -13.80
C TYR A 34 -0.55 -10.71 -12.33
N THR A 35 0.21 -9.76 -11.86
CA THR A 35 0.60 -9.68 -10.48
C THR A 35 0.28 -8.28 -9.97
N VAL A 36 -0.83 -8.17 -9.26
CA VAL A 36 -1.27 -6.87 -8.74
C VAL A 36 -0.59 -6.58 -7.41
N HIS A 37 0.09 -5.46 -7.35
CA HIS A 37 0.77 -5.03 -6.15
C HIS A 37 0.14 -3.74 -5.64
N HIS A 38 0.13 -3.59 -4.34
CA HIS A 38 -0.45 -2.41 -3.72
C HIS A 38 0.68 -1.48 -3.30
N MET A 39 0.97 -0.52 -4.16
CA MET A 39 2.04 0.41 -3.91
C MET A 39 1.54 1.83 -3.71
N VAL A 40 2.08 2.49 -2.70
CA VAL A 40 1.74 3.87 -2.43
C VAL A 40 2.41 4.72 -3.50
N TRP A 41 1.62 5.48 -4.23
CA TRP A 41 2.12 6.29 -5.34
C TRP A 41 2.52 7.69 -4.91
N HIS A 42 1.80 8.26 -3.96
CA HIS A 42 2.12 9.60 -3.51
C HIS A 42 1.82 9.76 -2.03
N VAL A 43 2.62 10.59 -1.40
CA VAL A 43 2.48 10.88 0.02
C VAL A 43 2.50 12.40 0.20
N GLU A 44 1.36 12.95 0.63
CA GLU A 44 1.23 14.36 0.84
C GLU A 44 2.35 14.93 1.72
N ASP A 45 2.96 16.00 1.24
CA ASP A 45 4.04 16.65 1.96
C ASP A 45 3.54 17.21 3.27
N GLY A 46 4.05 16.67 4.37
CA GLY A 46 3.63 17.11 5.68
C GLY A 46 2.37 16.38 6.13
N GLY A 47 2.01 15.35 5.37
CA GLY A 47 0.82 14.57 5.68
C GLY A 47 1.11 13.53 6.75
N PRO A 48 0.07 12.88 7.26
CA PRO A 48 0.20 11.86 8.32
C PRO A 48 1.12 10.74 7.90
N ALA A 49 0.86 10.23 6.72
CA ALA A 49 1.65 9.14 6.17
C ALA A 49 3.12 9.53 6.01
N SER A 50 3.35 10.78 5.63
CA SER A 50 4.69 11.29 5.47
C SER A 50 5.39 11.32 6.82
N GLU A 51 4.60 11.65 7.83
CA GLU A 51 5.10 11.73 9.20
C GLU A 51 5.37 10.34 9.75
N ALA A 52 4.60 9.39 9.25
CA ALA A 52 4.73 8.00 9.66
C ALA A 52 5.93 7.34 9.01
N GLY A 53 6.35 7.91 7.89
CA GLY A 53 7.50 7.38 7.18
C GLY A 53 7.15 6.67 5.89
N LEU A 54 5.90 6.75 5.47
CA LEU A 54 5.48 6.10 4.24
C LEU A 54 6.15 6.76 3.05
N ARG A 55 6.70 5.93 2.19
CA ARG A 55 7.38 6.41 1.01
C ARG A 55 6.68 5.91 -0.24
N GLN A 56 6.64 6.74 -1.27
CA GLN A 56 5.97 6.34 -2.50
C GLN A 56 6.89 5.48 -3.35
N GLY A 57 6.33 4.42 -3.91
CA GLY A 57 7.10 3.52 -4.73
C GLY A 57 7.54 2.28 -3.99
N ASP A 58 7.08 2.12 -2.75
CA ASP A 58 7.42 0.94 -1.96
C ASP A 58 6.45 -0.18 -2.27
N LEU A 59 6.36 -1.14 -1.36
CA LEU A 59 5.46 -2.23 -1.53
C LEU A 59 4.77 -2.52 -0.22
N ILE A 60 3.48 -2.27 -0.17
CA ILE A 60 2.73 -2.54 1.03
C ILE A 60 2.39 -4.03 1.06
N THR A 61 3.06 -4.76 1.94
CA THR A 61 2.85 -6.19 2.03
C THR A 61 1.77 -6.55 3.06
N HIS A 62 1.64 -5.74 4.10
CA HIS A 62 0.63 -6.00 5.13
C HIS A 62 0.01 -4.71 5.62
N VAL A 63 -1.28 -4.78 5.93
CA VAL A 63 -2.01 -3.64 6.45
C VAL A 63 -2.63 -4.04 7.77
N ASN A 64 -2.20 -3.39 8.84
CA ASN A 64 -2.69 -3.67 10.19
C ASN A 64 -2.30 -5.09 10.61
N GLY A 65 -1.29 -5.62 9.92
CA GLY A 65 -0.81 -6.96 10.21
C GLY A 65 -1.53 -8.02 9.38
N GLU A 66 -2.23 -7.57 8.34
CA GLU A 66 -2.96 -8.49 7.48
C GLU A 66 -2.27 -8.65 6.13
N PRO A 67 -2.08 -9.90 5.67
CA PRO A 67 -1.48 -10.16 4.38
C PRO A 67 -2.41 -9.71 3.26
N VAL A 68 -2.06 -8.63 2.59
CA VAL A 68 -2.89 -8.10 1.52
C VAL A 68 -2.61 -8.77 0.19
N HIS A 69 -1.58 -9.59 0.16
CA HIS A 69 -1.22 -10.30 -1.07
C HIS A 69 -2.36 -11.20 -1.52
N GLY A 70 -2.96 -10.87 -2.65
CA GLY A 70 -4.05 -11.65 -3.17
C GLY A 70 -5.35 -10.87 -3.20
N LEU A 71 -5.45 -9.82 -2.39
CA LEU A 71 -6.66 -9.01 -2.35
C LEU A 71 -6.79 -8.10 -3.55
N VAL A 72 -7.90 -7.39 -3.55
CA VAL A 72 -8.19 -6.41 -4.57
C VAL A 72 -7.81 -5.05 -4.02
N HIS A 73 -7.86 -4.02 -4.87
CA HIS A 73 -7.51 -2.68 -4.44
C HIS A 73 -8.39 -2.22 -3.28
N THR A 74 -9.69 -2.47 -3.38
CA THR A 74 -10.62 -2.05 -2.35
C THR A 74 -10.47 -2.83 -1.04
N GLU A 75 -10.14 -4.13 -1.12
CA GLU A 75 -9.99 -4.93 0.08
C GLU A 75 -8.94 -4.32 0.99
N VAL A 76 -7.84 -3.91 0.40
CA VAL A 76 -6.76 -3.30 1.15
C VAL A 76 -7.14 -1.88 1.56
N VAL A 77 -7.85 -1.18 0.67
CA VAL A 77 -8.31 0.18 0.95
C VAL A 77 -9.16 0.19 2.22
N GLU A 78 -10.12 -0.72 2.26
CA GLU A 78 -10.99 -0.85 3.42
C GLU A 78 -10.17 -1.22 4.63
N LEU A 79 -9.35 -2.24 4.43
CA LEU A 79 -8.44 -2.72 5.48
C LEU A 79 -7.76 -1.53 6.17
N ILE A 80 -7.09 -0.70 5.37
CA ILE A 80 -6.45 0.49 5.88
C ILE A 80 -7.43 1.35 6.67
N LEU A 81 -8.55 1.67 6.02
CA LEU A 81 -9.60 2.48 6.65
C LEU A 81 -10.07 1.88 7.98
N LYS A 82 -10.26 0.56 8.02
CA LYS A 82 -10.74 -0.12 9.22
C LYS A 82 -9.76 -0.09 10.41
N SER A 83 -8.56 0.45 10.18
CA SER A 83 -7.56 0.54 11.23
C SER A 83 -8.10 1.23 12.48
N GLY A 84 -8.49 2.50 12.33
CA GLY A 84 -9.02 3.25 13.45
C GLY A 84 -7.96 4.11 14.12
N ASN A 85 -7.98 5.41 13.81
CA ASN A 85 -7.04 6.39 14.36
C ASN A 85 -5.65 6.27 13.73
N LYS A 86 -5.17 5.06 13.57
CA LYS A 86 -3.89 4.82 12.95
C LYS A 86 -3.89 3.49 12.29
N VAL A 87 -3.01 3.35 11.33
CA VAL A 87 -2.90 2.13 10.58
C VAL A 87 -1.45 1.72 10.43
N ALA A 88 -1.17 0.46 10.69
CA ALA A 88 0.18 -0.06 10.57
C ALA A 88 0.37 -0.64 9.19
N ILE A 89 1.10 0.09 8.38
CA ILE A 89 1.36 -0.32 7.01
C ILE A 89 2.76 -0.92 6.89
N SER A 90 2.82 -2.23 6.70
CA SER A 90 4.09 -2.91 6.55
C SER A 90 4.64 -2.70 5.15
N THR A 91 5.66 -1.87 5.05
CA THR A 91 6.27 -1.55 3.78
C THR A 91 7.55 -2.36 3.56
N THR A 92 7.90 -2.51 2.30
CA THR A 92 9.09 -3.23 1.90
C THR A 92 9.47 -2.79 0.48
N PRO A 93 10.76 -2.84 0.12
CA PRO A 93 11.24 -2.44 -1.20
C PRO A 93 10.42 -2.99 -2.37
N LEU A 94 10.37 -2.23 -3.44
CA LEU A 94 9.66 -2.61 -4.65
C LEU A 94 10.68 -2.93 -5.72
N GLU A 95 11.26 -4.11 -5.61
CA GLU A 95 12.26 -4.54 -6.56
C GLU A 95 11.64 -5.44 -7.63
N ASN A 96 11.75 -5.00 -8.86
CA ASN A 96 11.19 -5.74 -9.99
C ASN A 96 12.17 -5.71 -11.15
N PRO B 1 11.59 3.60 -12.21
CA PRO B 1 11.45 2.42 -11.34
C PRO B 1 10.26 1.58 -11.81
N PHE B 2 10.17 0.36 -11.28
CA PHE B 2 9.09 -0.60 -11.60
C PHE B 2 8.85 -0.77 -13.12
N ASP B 3 7.79 -1.48 -13.46
CA ASP B 3 7.44 -1.74 -14.85
C ASP B 3 5.98 -2.19 -14.91
N GLU B 4 5.33 -1.97 -16.05
CA GLU B 4 3.94 -2.37 -16.29
C GLU B 4 2.94 -1.45 -15.56
N ASP B 5 1.70 -1.47 -16.04
CA ASP B 5 0.63 -0.67 -15.45
C ASP B 5 -0.72 -1.22 -15.92
N GLN B 6 -1.06 -0.90 -17.17
CA GLN B 6 -2.32 -1.35 -17.78
C GLN B 6 -3.53 -0.88 -16.96
N HIS B 7 -4.49 -1.78 -16.74
CA HIS B 7 -5.68 -1.43 -15.98
C HIS B 7 -5.39 -1.43 -14.49
N THR B 8 -4.87 -0.32 -14.00
CA THR B 8 -4.54 -0.19 -12.60
C THR B 8 -5.65 0.53 -11.85
N GLN B 9 -5.78 0.23 -10.56
CA GLN B 9 -6.79 0.87 -9.73
C GLN B 9 -6.11 1.98 -8.92
N ILE B 10 -6.74 3.12 -8.86
CA ILE B 10 -6.18 4.26 -8.14
C ILE B 10 -7.20 4.87 -7.20
N THR B 11 -6.86 4.95 -5.92
CA THR B 11 -7.73 5.53 -4.93
C THR B 11 -6.94 6.06 -3.74
N LYS B 12 -7.14 7.33 -3.42
CA LYS B 12 -6.49 7.95 -2.28
C LYS B 12 -7.24 7.54 -1.03
N VAL B 13 -6.52 7.23 0.03
CA VAL B 13 -7.13 6.77 1.26
C VAL B 13 -6.67 7.61 2.45
N GLY A 1 11.42 -14.65 9.29
CA GLY A 1 10.00 -14.78 9.70
C GLY A 1 9.14 -13.66 9.14
N GLY A 2 7.99 -13.43 9.76
CA GLY A 2 7.10 -12.39 9.29
C GLY A 2 7.35 -11.06 9.96
N SER A 3 7.21 -11.02 11.28
CA SER A 3 7.41 -9.80 12.05
C SER A 3 8.86 -9.35 11.99
N MET A 4 9.11 -8.21 11.34
CA MET A 4 10.45 -7.67 11.22
C MET A 4 10.39 -6.16 10.99
N ARG A 5 9.62 -5.75 9.99
CA ARG A 5 9.48 -4.34 9.68
C ARG A 5 8.39 -3.69 10.52
N PRO A 6 8.69 -2.54 11.15
CA PRO A 6 7.73 -1.82 11.98
C PRO A 6 6.63 -1.17 11.14
N PRO A 7 5.36 -1.43 11.47
CA PRO A 7 4.23 -0.85 10.75
C PRO A 7 4.18 0.66 10.85
N ILE A 8 3.59 1.27 9.85
CA ILE A 8 3.43 2.70 9.80
C ILE A 8 2.07 3.08 10.38
N ILE A 9 2.02 3.33 11.68
CA ILE A 9 0.79 3.72 12.35
C ILE A 9 0.37 5.13 11.92
N ILE A 10 -0.50 5.19 10.94
CA ILE A 10 -0.99 6.44 10.40
C ILE A 10 -2.29 6.86 11.06
N HIS A 11 -2.28 8.06 11.60
CA HIS A 11 -3.44 8.63 12.25
C HIS A 11 -4.42 9.18 11.21
N ARG A 12 -5.70 9.13 11.51
CA ARG A 12 -6.73 9.62 10.63
C ARG A 12 -6.63 11.14 10.45
N ALA A 13 -6.87 11.60 9.24
CA ALA A 13 -6.81 13.03 8.95
C ALA A 13 -8.16 13.55 8.48
N GLY A 14 -8.80 12.77 7.62
CA GLY A 14 -10.09 13.14 7.09
C GLY A 14 -10.39 12.47 5.77
N LYS A 15 -9.98 13.11 4.69
CA LYS A 15 -10.21 12.55 3.36
C LYS A 15 -9.17 11.50 3.02
N LYS A 16 -7.94 11.74 3.47
CA LYS A 16 -6.84 10.82 3.23
C LYS A 16 -5.98 10.66 4.48
N TYR A 17 -5.32 9.53 4.59
CA TYR A 17 -4.42 9.26 5.70
C TYR A 17 -3.11 9.97 5.43
N GLY A 18 -3.08 10.68 4.31
CA GLY A 18 -1.89 11.39 3.94
C GLY A 18 -1.17 10.74 2.79
N PHE A 19 -1.80 9.78 2.15
CA PHE A 19 -1.17 9.11 1.04
C PHE A 19 -2.14 8.57 0.00
N THR A 20 -1.54 8.26 -1.13
CA THR A 20 -2.23 7.71 -2.28
C THR A 20 -1.81 6.27 -2.49
N LEU A 21 -2.76 5.37 -2.41
CA LEU A 21 -2.48 3.97 -2.59
C LEU A 21 -2.72 3.60 -4.05
N ARG A 22 -1.74 2.95 -4.66
CA ARG A 22 -1.86 2.55 -6.04
C ARG A 22 -1.52 1.09 -6.21
N ALA A 23 -2.37 0.38 -6.93
CA ALA A 23 -2.17 -1.02 -7.19
C ALA A 23 -1.36 -1.21 -8.47
N ILE A 24 -0.07 -1.44 -8.31
CA ILE A 24 0.81 -1.62 -9.46
C ILE A 24 0.77 -3.06 -9.93
N ARG A 25 0.94 -3.25 -11.23
CA ARG A 25 0.87 -4.57 -11.81
C ARG A 25 2.24 -4.99 -12.38
N VAL A 26 2.67 -6.18 -11.99
CA VAL A 26 3.93 -6.74 -12.45
C VAL A 26 3.71 -8.17 -12.93
N TYR A 27 3.78 -8.37 -14.22
CA TYR A 27 3.56 -9.69 -14.79
C TYR A 27 4.71 -10.63 -14.46
N MET A 28 4.32 -11.86 -14.16
CA MET A 28 5.27 -12.91 -13.84
C MET A 28 5.81 -13.52 -15.12
N GLY A 29 7.10 -13.80 -15.14
CA GLY A 29 7.73 -14.40 -16.29
C GLY A 29 7.42 -15.87 -16.40
N ASP A 30 6.18 -16.19 -16.75
CA ASP A 30 5.74 -17.57 -16.88
C ASP A 30 4.56 -17.70 -17.82
N SER A 31 3.48 -17.00 -17.49
CA SER A 31 2.27 -17.06 -18.30
C SER A 31 1.62 -15.69 -18.41
N ASP A 32 0.29 -15.66 -18.45
CA ASP A 32 -0.47 -14.42 -18.56
C ASP A 32 -0.74 -13.89 -17.18
N VAL A 33 -0.43 -14.73 -16.21
CA VAL A 33 -0.59 -14.40 -14.81
C VAL A 33 0.21 -13.16 -14.45
N TYR A 34 -0.33 -12.38 -13.55
CA TYR A 34 0.31 -11.15 -13.11
C TYR A 34 0.34 -11.07 -11.60
N THR A 35 1.12 -10.13 -11.12
CA THR A 35 1.26 -9.90 -9.71
C THR A 35 0.86 -8.47 -9.39
N VAL A 36 -0.22 -8.33 -8.62
CA VAL A 36 -0.69 -7.01 -8.25
C VAL A 36 -0.14 -6.64 -6.87
N HIS A 37 0.64 -5.58 -6.84
CA HIS A 37 1.25 -5.13 -5.59
C HIS A 37 0.60 -3.82 -5.13
N HIS A 38 0.46 -3.69 -3.83
CA HIS A 38 -0.14 -2.50 -3.26
C HIS A 38 0.97 -1.58 -2.77
N MET A 39 1.25 -0.55 -3.54
CA MET A 39 2.31 0.38 -3.22
C MET A 39 1.79 1.80 -3.05
N VAL A 40 2.25 2.46 -2.00
CA VAL A 40 1.90 3.84 -1.75
C VAL A 40 2.60 4.67 -2.83
N TRP A 41 1.82 5.33 -3.65
CA TRP A 41 2.35 6.09 -4.77
C TRP A 41 2.86 7.46 -4.36
N HIS A 42 2.19 8.10 -3.40
CA HIS A 42 2.59 9.42 -2.97
C HIS A 42 2.18 9.65 -1.52
N VAL A 43 2.94 10.50 -0.83
CA VAL A 43 2.65 10.84 0.56
C VAL A 43 2.62 12.36 0.70
N GLU A 44 1.50 12.88 1.19
CA GLU A 44 1.31 14.30 1.38
C GLU A 44 2.37 14.87 2.32
N ASP A 45 3.01 15.94 1.89
CA ASP A 45 4.05 16.59 2.70
C ASP A 45 3.46 17.10 4.00
N GLY A 46 3.94 16.56 5.11
CA GLY A 46 3.42 16.98 6.40
C GLY A 46 2.13 16.27 6.75
N GLY A 47 1.82 15.23 5.98
CA GLY A 47 0.60 14.47 6.23
C GLY A 47 0.79 13.44 7.33
N PRO A 48 -0.28 12.80 7.78
CA PRO A 48 -0.23 11.79 8.85
C PRO A 48 0.70 10.65 8.51
N ALA A 49 0.52 10.15 7.31
CA ALA A 49 1.33 9.03 6.82
C ALA A 49 2.80 9.42 6.78
N SER A 50 3.05 10.66 6.40
CA SER A 50 4.42 11.17 6.32
C SER A 50 5.03 11.21 7.71
N GLU A 51 4.18 11.54 8.68
CA GLU A 51 4.59 11.64 10.07
C GLU A 51 4.69 10.25 10.71
N ALA A 52 3.99 9.31 10.11
CA ALA A 52 4.00 7.94 10.59
C ALA A 52 5.22 7.20 10.06
N GLY A 53 5.78 7.71 8.97
CA GLY A 53 6.97 7.11 8.40
C GLY A 53 6.73 6.44 7.05
N LEU A 54 5.53 6.59 6.50
CA LEU A 54 5.21 6.00 5.21
C LEU A 54 5.95 6.72 4.09
N ARG A 55 6.54 5.94 3.22
CA ARG A 55 7.29 6.46 2.08
C ARG A 55 6.70 5.94 0.78
N GLN A 56 6.56 6.82 -0.20
CA GLN A 56 6.00 6.42 -1.49
C GLN A 56 7.00 5.58 -2.29
N GLY A 57 6.54 4.44 -2.77
CA GLY A 57 7.37 3.55 -3.55
C GLY A 57 7.77 2.30 -2.80
N ASP A 58 7.19 2.11 -1.62
CA ASP A 58 7.47 0.92 -0.81
C ASP A 58 6.54 -0.22 -1.21
N LEU A 59 6.43 -1.21 -0.35
CA LEU A 59 5.56 -2.32 -0.59
C LEU A 59 4.76 -2.60 0.66
N ILE A 60 3.46 -2.40 0.57
CA ILE A 60 2.62 -2.68 1.70
C ILE A 60 2.28 -4.16 1.75
N THR A 61 2.80 -4.85 2.75
CA THR A 61 2.59 -6.29 2.87
C THR A 61 1.45 -6.63 3.84
N HIS A 62 1.22 -5.77 4.84
CA HIS A 62 0.15 -6.01 5.81
C HIS A 62 -0.50 -4.71 6.22
N VAL A 63 -1.79 -4.76 6.47
CA VAL A 63 -2.55 -3.60 6.92
C VAL A 63 -3.29 -3.96 8.19
N ASN A 64 -2.90 -3.34 9.31
CA ASN A 64 -3.52 -3.61 10.60
C ASN A 64 -3.31 -5.06 11.00
N GLY A 65 -2.19 -5.62 10.54
CA GLY A 65 -1.87 -6.99 10.85
C GLY A 65 -2.58 -7.98 9.94
N GLU A 66 -3.13 -7.50 8.84
CA GLU A 66 -3.85 -8.34 7.90
C GLU A 66 -3.04 -8.57 6.64
N PRO A 67 -2.85 -9.84 6.23
CA PRO A 67 -2.12 -10.17 5.01
C PRO A 67 -2.91 -9.74 3.79
N VAL A 68 -2.40 -8.75 3.08
CA VAL A 68 -3.08 -8.22 1.91
C VAL A 68 -2.60 -8.88 0.62
N HIS A 69 -1.67 -9.82 0.76
CA HIS A 69 -1.13 -10.52 -0.38
C HIS A 69 -2.23 -11.32 -1.07
N GLY A 70 -2.72 -10.81 -2.18
CA GLY A 70 -3.75 -11.49 -2.92
C GLY A 70 -5.00 -10.66 -3.08
N LEU A 71 -5.22 -9.71 -2.18
CA LEU A 71 -6.40 -8.87 -2.24
C LEU A 71 -6.37 -7.93 -3.43
N VAL A 72 -7.54 -7.36 -3.69
CA VAL A 72 -7.71 -6.40 -4.74
C VAL A 72 -7.35 -5.02 -4.19
N HIS A 73 -7.33 -4.03 -5.04
CA HIS A 73 -6.99 -2.67 -4.62
C HIS A 73 -7.95 -2.16 -3.55
N THR A 74 -9.23 -2.40 -3.72
CA THR A 74 -10.23 -1.92 -2.78
C THR A 74 -10.24 -2.70 -1.46
N GLU A 75 -9.95 -4.00 -1.49
CA GLU A 75 -9.95 -4.79 -0.28
C GLU A 75 -8.99 -4.22 0.74
N VAL A 76 -7.83 -3.82 0.26
CA VAL A 76 -6.82 -3.25 1.14
C VAL A 76 -7.19 -1.81 1.50
N VAL A 77 -7.78 -1.09 0.54
CA VAL A 77 -8.22 0.28 0.76
C VAL A 77 -9.21 0.33 1.91
N GLU A 78 -10.20 -0.54 1.85
CA GLU A 78 -11.20 -0.64 2.89
C GLU A 78 -10.55 -1.04 4.19
N LEU A 79 -9.75 -2.08 4.09
CA LEU A 79 -8.99 -2.60 5.22
C LEU A 79 -8.37 -1.44 6.01
N ILE A 80 -7.60 -0.60 5.32
CA ILE A 80 -7.00 0.58 5.90
C ILE A 80 -8.05 1.45 6.56
N LEU A 81 -9.06 1.81 5.79
CA LEU A 81 -10.17 2.63 6.27
C LEU A 81 -10.81 2.06 7.54
N LYS A 82 -10.99 0.74 7.58
CA LYS A 82 -11.61 0.07 8.71
C LYS A 82 -10.78 0.12 10.00
N SER A 83 -9.54 0.58 9.91
CA SER A 83 -8.68 0.66 11.09
C SER A 83 -9.36 1.40 12.24
N GLY A 84 -9.67 2.67 12.01
CA GLY A 84 -10.30 3.48 13.03
C GLY A 84 -9.31 4.29 13.82
N ASN A 85 -9.26 5.60 13.54
CA ASN A 85 -8.35 6.54 14.21
C ASN A 85 -6.91 6.40 13.73
N LYS A 86 -6.42 5.17 13.63
CA LYS A 86 -5.09 4.92 13.15
C LYS A 86 -5.00 3.58 12.50
N VAL A 87 -4.08 3.48 11.58
CA VAL A 87 -3.88 2.26 10.83
C VAL A 87 -2.41 1.90 10.76
N ALA A 88 -2.10 0.66 11.09
CA ALA A 88 -0.72 0.19 11.05
C ALA A 88 -0.44 -0.46 9.71
N ILE A 89 0.38 0.19 8.92
CA ILE A 89 0.72 -0.31 7.61
C ILE A 89 2.13 -0.88 7.57
N SER A 90 2.21 -2.19 7.42
CA SER A 90 3.50 -2.87 7.37
C SER A 90 4.14 -2.69 6.00
N THR A 91 5.23 -1.94 5.96
CA THR A 91 5.92 -1.67 4.72
C THR A 91 7.17 -2.54 4.58
N THR A 92 7.74 -2.52 3.39
CA THR A 92 8.93 -3.28 3.07
C THR A 92 9.46 -2.79 1.72
N PRO A 93 10.77 -2.88 1.45
CA PRO A 93 11.36 -2.43 0.18
C PRO A 93 10.67 -2.99 -1.05
N LEU A 94 10.69 -2.22 -2.12
CA LEU A 94 10.09 -2.63 -3.37
C LEU A 94 11.20 -2.98 -4.35
N GLU A 95 11.96 -4.00 -4.00
CA GLU A 95 13.06 -4.45 -4.83
C GLU A 95 12.53 -5.27 -5.98
N ASN A 96 12.77 -4.80 -7.18
CA ASN A 96 12.30 -5.46 -8.38
C ASN A 96 13.37 -5.37 -9.48
N PRO B 1 5.69 -3.28 -16.67
CA PRO B 1 5.59 -3.50 -15.21
C PRO B 1 5.89 -2.22 -14.45
N PHE B 2 5.82 -2.30 -13.12
CA PHE B 2 6.10 -1.16 -12.23
C PHE B 2 5.10 -0.02 -12.43
N ASP B 3 5.37 0.82 -13.43
CA ASP B 3 4.51 1.96 -13.72
C ASP B 3 3.15 1.49 -14.23
N GLU B 4 3.18 0.54 -15.15
CA GLU B 4 1.98 -0.02 -15.73
C GLU B 4 2.31 -1.35 -16.40
N ASP B 5 1.31 -2.18 -16.63
CA ASP B 5 1.54 -3.47 -17.26
C ASP B 5 0.32 -3.92 -18.06
N GLN B 6 -0.86 -3.40 -17.70
CA GLN B 6 -2.09 -3.76 -18.37
C GLN B 6 -3.26 -3.00 -17.76
N HIS B 7 -3.33 -3.02 -16.43
CA HIS B 7 -4.39 -2.34 -15.71
C HIS B 7 -3.93 -2.07 -14.27
N THR B 8 -3.80 -0.80 -13.94
CA THR B 8 -3.36 -0.40 -12.61
C THR B 8 -4.44 0.46 -11.93
N GLN B 9 -4.43 0.48 -10.61
CA GLN B 9 -5.42 1.26 -9.86
C GLN B 9 -4.77 2.39 -9.07
N ILE B 10 -5.59 3.33 -8.63
CA ILE B 10 -5.13 4.46 -7.85
C ILE B 10 -6.30 5.03 -7.04
N THR B 11 -6.18 5.00 -5.72
CA THR B 11 -7.23 5.50 -4.85
C THR B 11 -6.66 6.22 -3.64
N LYS B 12 -7.25 7.38 -3.34
CA LYS B 12 -6.85 8.17 -2.20
C LYS B 12 -7.48 7.57 -0.96
N VAL B 13 -6.68 7.29 0.07
CA VAL B 13 -7.23 6.70 1.26
C VAL B 13 -6.81 7.49 2.49
N GLY A 1 9.19 -17.26 8.64
CA GLY A 1 9.21 -15.84 9.04
C GLY A 1 7.92 -15.12 8.72
N GLY A 2 7.54 -14.19 9.59
CA GLY A 2 6.32 -13.45 9.39
C GLY A 2 6.48 -12.00 9.80
N SER A 3 6.72 -11.78 11.09
CA SER A 3 6.90 -10.43 11.59
C SER A 3 8.39 -10.06 11.62
N MET A 4 8.82 -9.34 10.60
CA MET A 4 10.21 -8.92 10.49
C MET A 4 10.32 -7.48 10.02
N ARG A 5 9.57 -7.13 9.00
CA ARG A 5 9.59 -5.78 8.46
C ARG A 5 8.74 -4.84 9.30
N PRO A 6 9.32 -3.74 9.80
CA PRO A 6 8.61 -2.76 10.62
C PRO A 6 7.52 -2.04 9.82
N PRO A 7 6.27 -2.04 10.32
CA PRO A 7 5.17 -1.38 9.64
C PRO A 7 5.33 0.13 9.55
N ILE A 8 4.64 0.71 8.60
CA ILE A 8 4.66 2.14 8.38
C ILE A 8 3.43 2.76 9.04
N ILE A 9 3.56 3.15 10.30
CA ILE A 9 2.48 3.76 11.05
C ILE A 9 2.17 5.15 10.51
N ILE A 10 1.16 5.23 9.66
CA ILE A 10 0.76 6.48 9.07
C ILE A 10 -0.38 7.13 9.85
N HIS A 11 -0.22 8.40 10.15
CA HIS A 11 -1.22 9.14 10.88
C HIS A 11 -2.24 9.71 9.90
N ARG A 12 -3.50 9.77 10.33
CA ARG A 12 -4.58 10.27 9.52
C ARG A 12 -4.43 11.77 9.26
N ALA A 13 -4.80 12.19 8.05
CA ALA A 13 -4.73 13.59 7.68
C ALA A 13 -6.07 14.04 7.11
N GLY A 14 -7.01 14.33 8.00
CA GLY A 14 -8.32 14.76 7.59
C GLY A 14 -9.17 13.58 7.14
N LYS A 15 -8.92 13.13 5.92
CA LYS A 15 -9.66 12.00 5.37
C LYS A 15 -8.73 11.09 4.58
N LYS A 16 -7.47 11.48 4.43
CA LYS A 16 -6.51 10.67 3.68
C LYS A 16 -5.22 10.47 4.48
N TYR A 17 -4.36 9.59 3.98
CA TYR A 17 -3.08 9.31 4.66
C TYR A 17 -1.91 9.91 3.90
N GLY A 18 -2.18 10.44 2.72
CA GLY A 18 -1.14 11.07 1.95
C GLY A 18 -0.50 10.17 0.92
N PHE A 19 -1.17 9.11 0.54
CA PHE A 19 -0.62 8.23 -0.49
C PHE A 19 -1.67 7.65 -1.40
N THR A 20 -1.17 7.08 -2.47
CA THR A 20 -2.00 6.48 -3.49
C THR A 20 -1.81 4.97 -3.48
N LEU A 21 -2.88 4.24 -3.25
CA LEU A 21 -2.84 2.80 -3.23
C LEU A 21 -3.29 2.30 -4.58
N ARG A 22 -2.54 1.39 -5.15
CA ARG A 22 -2.87 0.87 -6.45
C ARG A 22 -2.78 -0.65 -6.49
N ALA A 23 -3.68 -1.25 -7.23
CA ALA A 23 -3.72 -2.69 -7.37
C ALA A 23 -3.17 -3.07 -8.75
N ILE A 24 -2.08 -3.83 -8.73
CA ILE A 24 -1.43 -4.26 -9.97
C ILE A 24 -1.64 -5.76 -10.19
N ARG A 25 -2.11 -6.12 -11.37
CA ARG A 25 -2.36 -7.51 -11.71
C ARG A 25 -1.12 -8.11 -12.39
N VAL A 26 -0.22 -8.66 -11.59
CA VAL A 26 1.00 -9.25 -12.11
C VAL A 26 0.73 -10.67 -12.56
N TYR A 27 0.88 -10.93 -13.84
CA TYR A 27 0.64 -12.25 -14.38
C TYR A 27 1.78 -13.19 -14.03
N MET A 28 1.39 -14.38 -13.62
CA MET A 28 2.34 -15.41 -13.24
C MET A 28 2.78 -16.22 -14.46
N GLY A 29 4.05 -16.60 -14.47
CA GLY A 29 4.58 -17.38 -15.57
C GLY A 29 4.18 -18.84 -15.48
N ASP A 30 2.90 -19.10 -15.66
CA ASP A 30 2.37 -20.45 -15.60
C ASP A 30 1.20 -20.60 -16.55
N SER A 31 0.16 -19.81 -16.30
CA SER A 31 -1.04 -19.83 -17.12
C SER A 31 -1.49 -18.41 -17.41
N ASP A 32 -2.79 -18.15 -17.34
CA ASP A 32 -3.35 -16.84 -17.61
C ASP A 32 -3.66 -16.15 -16.29
N VAL A 33 -3.35 -16.87 -15.23
CA VAL A 33 -3.56 -16.41 -13.86
C VAL A 33 -2.72 -15.19 -13.55
N TYR A 34 -3.30 -14.32 -12.75
CA TYR A 34 -2.65 -13.10 -12.33
C TYR A 34 -2.58 -13.05 -10.82
N THR A 35 -1.77 -12.15 -10.34
CA THR A 35 -1.57 -11.97 -8.93
C THR A 35 -1.68 -10.48 -8.62
N VAL A 36 -2.86 -10.09 -8.15
CA VAL A 36 -3.13 -8.70 -7.83
C VAL A 36 -2.45 -8.29 -6.53
N HIS A 37 -1.44 -7.45 -6.65
CA HIS A 37 -0.71 -6.96 -5.50
C HIS A 37 -1.19 -5.57 -5.13
N HIS A 38 -1.01 -5.21 -3.88
CA HIS A 38 -1.41 -3.91 -3.38
C HIS A 38 -0.16 -3.11 -3.06
N MET A 39 0.14 -2.17 -3.94
CA MET A 39 1.34 -1.37 -3.78
C MET A 39 1.02 0.13 -3.78
N VAL A 40 1.71 0.86 -2.93
CA VAL A 40 1.58 2.30 -2.89
C VAL A 40 2.24 2.85 -4.14
N TRP A 41 1.45 3.50 -4.97
CA TRP A 41 1.92 4.01 -6.24
C TRP A 41 2.55 5.40 -6.14
N HIS A 42 2.13 6.17 -5.17
CA HIS A 42 2.65 7.52 -5.00
C HIS A 42 2.44 8.00 -3.56
N VAL A 43 3.35 8.84 -3.09
CA VAL A 43 3.26 9.38 -1.74
C VAL A 43 3.40 10.89 -1.80
N GLU A 44 2.47 11.59 -1.14
CA GLU A 44 2.47 13.03 -1.10
C GLU A 44 3.76 13.56 -0.49
N ASP A 45 4.33 14.57 -1.14
CA ASP A 45 5.57 15.17 -0.68
C ASP A 45 5.36 15.87 0.66
N GLY A 46 5.83 15.23 1.72
CA GLY A 46 5.67 15.79 3.05
C GLY A 46 4.38 15.32 3.69
N GLY A 47 3.80 14.27 3.11
CA GLY A 47 2.56 13.72 3.62
C GLY A 47 2.79 12.83 4.82
N PRO A 48 1.71 12.45 5.52
CA PRO A 48 1.79 11.61 6.72
C PRO A 48 2.49 10.30 6.44
N ALA A 49 2.09 9.69 5.34
CA ALA A 49 2.66 8.42 4.92
C ALA A 49 4.16 8.56 4.67
N SER A 50 4.55 9.66 4.07
CA SER A 50 5.95 9.91 3.80
C SER A 50 6.71 10.06 5.11
N GLU A 51 6.05 10.68 6.06
CA GLU A 51 6.64 10.89 7.38
C GLU A 51 6.81 9.56 8.08
N ALA A 52 5.84 8.70 7.87
CA ALA A 52 5.83 7.37 8.44
C ALA A 52 6.87 6.48 7.78
N GLY A 53 7.27 6.84 6.56
CA GLY A 53 8.28 6.08 5.86
C GLY A 53 7.77 5.33 4.65
N LEU A 54 6.49 5.49 4.34
CA LEU A 54 5.90 4.80 3.19
C LEU A 54 6.48 5.35 1.90
N ARG A 55 6.94 4.45 1.07
CA ARG A 55 7.53 4.81 -0.21
C ARG A 55 6.79 4.12 -1.34
N GLN A 56 6.63 4.82 -2.45
CA GLN A 56 5.92 4.25 -3.59
C GLN A 56 6.75 3.17 -4.26
N GLY A 57 6.06 2.15 -4.76
CA GLY A 57 6.73 1.06 -5.44
C GLY A 57 7.08 -0.11 -4.55
N ASP A 58 6.64 -0.09 -3.29
CA ASP A 58 6.91 -1.20 -2.39
C ASP A 58 5.81 -2.24 -2.51
N LEU A 59 5.63 -3.04 -1.47
CA LEU A 59 4.60 -4.03 -1.45
C LEU A 59 3.98 -4.11 -0.07
N ILE A 60 2.72 -3.77 0.00
CA ILE A 60 2.02 -3.84 1.26
C ILE A 60 1.60 -5.29 1.53
N THR A 61 2.22 -5.90 2.52
CA THR A 61 1.92 -7.29 2.85
C THR A 61 0.80 -7.39 3.88
N HIS A 62 0.72 -6.43 4.80
CA HIS A 62 -0.33 -6.44 5.81
C HIS A 62 -0.73 -5.02 6.17
N VAL A 63 -1.99 -4.85 6.52
CA VAL A 63 -2.52 -3.56 6.94
C VAL A 63 -3.12 -3.71 8.31
N ASN A 64 -2.51 -3.05 9.30
CA ASN A 64 -2.97 -3.12 10.69
C ASN A 64 -2.80 -4.54 11.21
N GLY A 65 -1.87 -5.27 10.60
CA GLY A 65 -1.62 -6.64 11.00
C GLY A 65 -2.57 -7.64 10.37
N GLU A 66 -3.28 -7.20 9.34
CA GLU A 66 -4.25 -8.06 8.68
C GLU A 66 -3.72 -8.53 7.32
N PRO A 67 -3.83 -9.83 7.02
CA PRO A 67 -3.39 -10.37 5.73
C PRO A 67 -4.23 -9.85 4.58
N VAL A 68 -3.62 -9.05 3.72
CA VAL A 68 -4.31 -8.47 2.59
C VAL A 68 -4.17 -9.34 1.35
N HIS A 69 -3.27 -10.31 1.43
CA HIS A 69 -3.04 -11.24 0.33
C HIS A 69 -4.27 -12.09 0.10
N GLY A 70 -5.04 -11.77 -0.92
CA GLY A 70 -6.23 -12.54 -1.22
C GLY A 70 -7.45 -11.66 -1.39
N LEU A 71 -7.44 -10.47 -0.80
CA LEU A 71 -8.59 -9.57 -0.91
C LEU A 71 -8.58 -8.82 -2.23
N VAL A 72 -9.46 -7.84 -2.30
CA VAL A 72 -9.57 -6.98 -3.45
C VAL A 72 -8.93 -5.65 -3.13
N HIS A 73 -8.89 -4.75 -4.11
CA HIS A 73 -8.30 -3.44 -3.93
C HIS A 73 -9.04 -2.65 -2.85
N THR A 74 -10.35 -2.72 -2.86
CA THR A 74 -11.16 -2.00 -1.90
C THR A 74 -11.13 -2.61 -0.50
N GLU A 75 -10.90 -3.92 -0.41
CA GLU A 75 -10.86 -4.56 0.90
C GLU A 75 -9.71 -4.01 1.71
N VAL A 76 -8.57 -3.86 1.06
CA VAL A 76 -7.39 -3.33 1.71
C VAL A 76 -7.56 -1.83 1.95
N VAL A 77 -8.22 -1.16 1.01
CA VAL A 77 -8.50 0.27 1.14
C VAL A 77 -9.30 0.53 2.40
N GLU A 78 -10.37 -0.23 2.56
CA GLU A 78 -11.21 -0.13 3.75
C GLU A 78 -10.41 -0.43 4.98
N LEU A 79 -9.69 -1.53 4.89
CA LEU A 79 -8.82 -1.99 5.98
C LEU A 79 -8.01 -0.81 6.52
N ILE A 80 -7.29 -0.15 5.63
CA ILE A 80 -6.52 1.02 5.98
C ILE A 80 -7.40 2.07 6.65
N LEU A 81 -8.48 2.43 5.97
CA LEU A 81 -9.44 3.41 6.49
C LEU A 81 -9.93 3.06 7.91
N LYS A 82 -10.21 1.78 8.14
CA LYS A 82 -10.72 1.31 9.43
C LYS A 82 -9.69 1.34 10.56
N SER A 83 -8.45 1.70 10.25
CA SER A 83 -7.39 1.78 11.26
C SER A 83 -7.82 2.66 12.45
N GLY A 84 -7.97 3.95 12.19
CA GLY A 84 -8.37 4.87 13.24
C GLY A 84 -7.20 5.67 13.76
N ASN A 85 -7.08 6.91 13.27
CA ASN A 85 -6.01 7.84 13.67
C ASN A 85 -4.66 7.47 13.03
N LYS A 86 -4.33 6.19 13.01
CA LYS A 86 -3.11 5.73 12.41
C LYS A 86 -3.29 4.34 11.89
N VAL A 87 -2.46 4.01 10.94
CA VAL A 87 -2.52 2.71 10.33
C VAL A 87 -1.11 2.13 10.15
N ALA A 88 -0.94 0.90 10.62
CA ALA A 88 0.33 0.22 10.51
C ALA A 88 0.36 -0.57 9.21
N ILE A 89 1.09 -0.05 8.26
CA ILE A 89 1.20 -0.68 6.96
C ILE A 89 2.51 -1.44 6.83
N SER A 90 2.42 -2.76 6.81
CA SER A 90 3.60 -3.60 6.68
C SER A 90 4.09 -3.61 5.24
N THR A 91 5.25 -3.02 5.01
CA THR A 91 5.81 -2.94 3.67
C THR A 91 6.94 -3.95 3.46
N THR A 92 7.23 -4.21 2.20
CA THR A 92 8.28 -5.13 1.79
C THR A 92 8.65 -4.83 0.34
N PRO A 93 9.90 -5.07 -0.08
CA PRO A 93 10.34 -4.80 -1.46
C PRO A 93 9.41 -5.39 -2.52
N LEU A 94 9.40 -4.75 -3.68
CA LEU A 94 8.60 -5.17 -4.81
C LEU A 94 9.53 -5.60 -5.95
N GLU A 95 10.02 -6.82 -5.87
CA GLU A 95 10.92 -7.34 -6.87
C GLU A 95 10.29 -8.54 -7.55
N ASN A 96 9.95 -8.37 -8.81
CA ASN A 96 9.33 -9.43 -9.59
C ASN A 96 9.96 -9.49 -10.98
N PRO B 1 11.88 -0.28 -11.21
CA PRO B 1 10.66 0.18 -10.52
C PRO B 1 9.44 -0.01 -11.41
N PHE B 2 8.28 -0.08 -10.80
CA PHE B 2 7.02 -0.24 -11.54
C PHE B 2 6.38 1.11 -11.80
N ASP B 3 6.23 1.45 -13.08
CA ASP B 3 5.62 2.72 -13.45
C ASP B 3 5.04 2.66 -14.87
N GLU B 4 3.82 3.14 -15.01
CA GLU B 4 3.10 3.18 -16.29
C GLU B 4 3.09 1.83 -17.01
N ASP B 5 3.12 0.74 -16.26
CA ASP B 5 3.11 -0.59 -16.85
C ASP B 5 1.75 -1.25 -16.65
N GLN B 6 1.15 -0.98 -15.49
CA GLN B 6 -0.16 -1.53 -15.16
C GLN B 6 -1.08 -0.43 -14.66
N HIS B 7 -2.26 -0.32 -15.24
CA HIS B 7 -3.23 0.71 -14.86
C HIS B 7 -4.58 0.07 -14.52
N THR B 8 -4.54 -1.02 -13.77
CA THR B 8 -5.74 -1.73 -13.38
C THR B 8 -6.57 -0.92 -12.37
N GLN B 9 -6.20 -0.98 -11.09
CA GLN B 9 -6.95 -0.26 -10.08
C GLN B 9 -6.07 0.80 -9.42
N ILE B 10 -6.70 1.91 -9.03
CA ILE B 10 -6.01 3.02 -8.39
C ILE B 10 -6.95 3.81 -7.48
N THR B 11 -6.60 3.90 -6.21
CA THR B 11 -7.42 4.62 -5.24
C THR B 11 -6.56 5.33 -4.21
N LYS B 12 -6.66 6.64 -4.18
CA LYS B 12 -5.93 7.44 -3.21
C LYS B 12 -6.66 7.34 -1.87
N VAL B 13 -5.94 7.00 -0.81
CA VAL B 13 -6.54 6.83 0.49
C VAL B 13 -5.89 7.77 1.50
N GLY A 1 11.84 -14.34 7.63
CA GLY A 1 11.05 -13.88 8.80
C GLY A 1 9.89 -13.01 8.39
N GLY A 2 8.82 -13.06 9.17
CA GLY A 2 7.64 -12.26 8.86
C GLY A 2 7.78 -10.83 9.32
N SER A 3 7.60 -10.59 10.61
CA SER A 3 7.70 -9.25 11.16
C SER A 3 9.15 -8.81 11.30
N MET A 4 9.54 -7.83 10.49
CA MET A 4 10.90 -7.31 10.52
C MET A 4 10.89 -5.80 10.34
N ARG A 5 10.06 -5.33 9.40
CA ARG A 5 9.95 -3.91 9.13
C ARG A 5 8.86 -3.29 9.99
N PRO A 6 9.19 -2.20 10.71
CA PRO A 6 8.23 -1.52 11.59
C PRO A 6 7.10 -0.86 10.80
N PRO A 7 5.84 -1.06 11.21
CA PRO A 7 4.69 -0.48 10.53
C PRO A 7 4.61 1.05 10.67
N ILE A 8 3.99 1.66 9.68
CA ILE A 8 3.80 3.09 9.65
C ILE A 8 2.43 3.42 10.23
N ILE A 9 2.40 3.70 11.53
CA ILE A 9 1.15 4.03 12.21
C ILE A 9 0.65 5.40 11.78
N ILE A 10 -0.27 5.42 10.83
CA ILE A 10 -0.85 6.63 10.31
C ILE A 10 -2.16 6.95 11.00
N HIS A 11 -2.31 8.21 11.38
CA HIS A 11 -3.53 8.66 12.04
C HIS A 11 -4.61 8.94 11.00
N ARG A 12 -5.86 8.87 11.44
CA ARG A 12 -7.01 9.12 10.58
C ARG A 12 -7.08 10.60 10.20
N ALA A 13 -7.94 10.92 9.23
CA ALA A 13 -8.09 12.29 8.78
C ALA A 13 -9.43 12.49 8.06
N GLY A 14 -9.40 13.16 6.91
CA GLY A 14 -10.62 13.39 6.17
C GLY A 14 -10.98 12.23 5.27
N LYS A 15 -10.78 12.41 3.97
CA LYS A 15 -11.08 11.38 2.99
C LYS A 15 -9.92 10.41 2.84
N LYS A 16 -8.74 10.81 3.30
CA LYS A 16 -7.57 9.97 3.22
C LYS A 16 -6.67 10.17 4.42
N TYR A 17 -5.83 9.17 4.70
CA TYR A 17 -4.88 9.22 5.79
C TYR A 17 -3.73 10.11 5.42
N GLY A 18 -3.84 10.74 4.26
CA GLY A 18 -2.81 11.63 3.80
C GLY A 18 -2.00 11.04 2.68
N PHE A 19 -2.49 9.97 2.09
CA PHE A 19 -1.78 9.36 0.99
C PHE A 19 -2.69 8.73 -0.05
N THR A 20 -2.10 8.59 -1.21
CA THR A 20 -2.75 8.01 -2.37
C THR A 20 -2.22 6.62 -2.61
N LEU A 21 -3.08 5.64 -2.51
CA LEU A 21 -2.69 4.27 -2.74
C LEU A 21 -2.95 3.92 -4.19
N ARG A 22 -1.96 3.35 -4.85
CA ARG A 22 -2.11 2.98 -6.24
C ARG A 22 -1.69 1.54 -6.44
N ALA A 23 -2.55 0.76 -7.06
CA ALA A 23 -2.29 -0.64 -7.32
C ALA A 23 -1.57 -0.81 -8.65
N ILE A 24 -0.25 -0.99 -8.57
CA ILE A 24 0.56 -1.18 -9.76
C ILE A 24 0.49 -2.63 -10.19
N ARG A 25 0.25 -2.84 -11.48
CA ARG A 25 0.14 -4.19 -12.02
C ARG A 25 1.47 -4.70 -12.53
N VAL A 26 1.98 -5.73 -11.88
CA VAL A 26 3.23 -6.34 -12.26
C VAL A 26 2.90 -7.67 -12.91
N TYR A 27 3.71 -8.15 -13.82
CA TYR A 27 3.43 -9.41 -14.47
C TYR A 27 4.45 -10.46 -14.10
N MET A 28 3.98 -11.69 -14.03
CA MET A 28 4.81 -12.82 -13.73
C MET A 28 5.50 -13.27 -15.00
N GLY A 29 6.82 -13.05 -15.08
CA GLY A 29 7.57 -13.42 -16.27
C GLY A 29 7.55 -14.92 -16.56
N ASP A 30 7.18 -15.71 -15.56
CA ASP A 30 7.12 -17.16 -15.72
C ASP A 30 5.82 -17.59 -16.41
N SER A 31 4.87 -16.67 -16.53
CA SER A 31 3.59 -16.99 -17.15
C SER A 31 2.92 -15.73 -17.72
N ASP A 32 1.59 -15.72 -17.77
CA ASP A 32 0.85 -14.58 -18.30
C ASP A 32 0.02 -13.93 -17.21
N VAL A 33 0.10 -14.51 -16.02
CA VAL A 33 -0.65 -14.01 -14.88
C VAL A 33 -0.02 -12.74 -14.33
N TYR A 34 -0.84 -11.89 -13.74
CA TYR A 34 -0.37 -10.65 -13.17
C TYR A 34 -0.26 -10.75 -11.66
N THR A 35 0.42 -9.78 -11.12
CA THR A 35 0.64 -9.66 -9.70
C THR A 35 0.45 -8.20 -9.31
N VAL A 36 -0.70 -7.89 -8.73
CA VAL A 36 -1.00 -6.53 -8.35
C VAL A 36 -0.37 -6.18 -7.00
N HIS A 37 0.42 -5.11 -7.00
CA HIS A 37 1.07 -4.66 -5.78
C HIS A 37 0.40 -3.39 -5.31
N HIS A 38 0.43 -3.18 -4.01
CA HIS A 38 -0.19 -2.01 -3.42
C HIS A 38 0.89 -1.06 -2.93
N MET A 39 1.11 0.00 -3.69
CA MET A 39 2.13 0.97 -3.35
C MET A 39 1.55 2.36 -3.18
N VAL A 40 2.01 3.05 -2.14
CA VAL A 40 1.61 4.42 -1.90
C VAL A 40 2.25 5.28 -2.98
N TRP A 41 1.42 5.90 -3.79
CA TRP A 41 1.91 6.68 -4.92
C TRP A 41 2.30 8.10 -4.52
N HIS A 42 1.59 8.67 -3.57
CA HIS A 42 1.87 10.03 -3.14
C HIS A 42 1.46 10.23 -1.69
N VAL A 43 2.12 11.16 -1.02
CA VAL A 43 1.84 11.46 0.36
C VAL A 43 1.70 12.98 0.54
N GLU A 44 0.58 13.41 1.10
CA GLU A 44 0.31 14.82 1.32
C GLU A 44 1.39 15.45 2.20
N ASP A 45 1.83 16.64 1.80
CA ASP A 45 2.86 17.37 2.55
C ASP A 45 2.38 17.70 3.95
N GLY A 46 2.99 17.07 4.96
CA GLY A 46 2.60 17.32 6.32
C GLY A 46 1.38 16.53 6.73
N GLY A 47 1.01 15.55 5.90
CA GLY A 47 -0.14 14.72 6.18
C GLY A 47 0.13 13.73 7.29
N PRO A 48 -0.90 13.04 7.78
CA PRO A 48 -0.77 12.05 8.85
C PRO A 48 0.21 10.96 8.48
N ALA A 49 0.06 10.49 7.27
CA ALA A 49 0.94 9.45 6.73
C ALA A 49 2.37 9.97 6.64
N SER A 50 2.50 11.23 6.26
CA SER A 50 3.80 11.85 6.13
C SER A 50 4.48 11.90 7.50
N GLU A 51 3.66 12.13 8.51
CA GLU A 51 4.13 12.22 9.89
C GLU A 51 4.45 10.83 10.44
N ALA A 52 3.72 9.85 9.93
CA ALA A 52 3.90 8.47 10.34
C ALA A 52 5.16 7.87 9.73
N GLY A 53 5.61 8.47 8.63
CA GLY A 53 6.81 7.99 7.98
C GLY A 53 6.53 7.30 6.66
N LEU A 54 5.28 7.34 6.20
CA LEU A 54 4.93 6.71 4.96
C LEU A 54 5.56 7.47 3.80
N ARG A 55 6.21 6.75 2.93
CA ARG A 55 6.87 7.33 1.78
C ARG A 55 6.29 6.77 0.49
N GLN A 56 6.04 7.64 -0.47
CA GLN A 56 5.50 7.20 -1.74
C GLN A 56 6.55 6.43 -2.52
N GLY A 57 6.14 5.33 -3.12
CA GLY A 57 7.05 4.50 -3.90
C GLY A 57 7.54 3.29 -3.15
N ASP A 58 6.97 3.03 -1.97
CA ASP A 58 7.35 1.85 -1.18
C ASP A 58 6.46 0.69 -1.58
N LEU A 59 6.39 -0.32 -0.73
CA LEU A 59 5.55 -1.45 -0.98
C LEU A 59 4.85 -1.84 0.30
N ILE A 60 3.54 -1.71 0.31
CA ILE A 60 2.77 -2.06 1.47
C ILE A 60 2.55 -3.57 1.49
N THR A 61 3.12 -4.24 2.47
CA THR A 61 3.00 -5.69 2.56
C THR A 61 1.89 -6.10 3.52
N HIS A 62 1.64 -5.32 4.56
CA HIS A 62 0.58 -5.65 5.51
C HIS A 62 -0.13 -4.40 5.97
N VAL A 63 -1.40 -4.55 6.28
CA VAL A 63 -2.22 -3.46 6.78
C VAL A 63 -2.83 -3.87 8.10
N ASN A 64 -2.39 -3.24 9.19
CA ASN A 64 -2.88 -3.54 10.53
C ASN A 64 -2.47 -4.95 10.94
N GLY A 65 -1.46 -5.48 10.26
CA GLY A 65 -0.97 -6.82 10.54
C GLY A 65 -1.67 -7.88 9.71
N GLU A 66 -2.39 -7.43 8.68
CA GLU A 66 -3.11 -8.35 7.82
C GLU A 66 -2.36 -8.55 6.51
N PRO A 67 -2.14 -9.81 6.10
CA PRO A 67 -1.46 -10.10 4.83
C PRO A 67 -2.33 -9.70 3.65
N VAL A 68 -1.95 -8.61 2.99
CA VAL A 68 -2.73 -8.10 1.87
C VAL A 68 -2.19 -8.59 0.54
N HIS A 69 -1.13 -9.40 0.60
CA HIS A 69 -0.52 -9.94 -0.60
C HIS A 69 -1.48 -10.90 -1.29
N GLY A 70 -2.26 -10.36 -2.22
CA GLY A 70 -3.21 -11.16 -2.95
C GLY A 70 -4.53 -10.45 -3.14
N LEU A 71 -4.86 -9.52 -2.23
CA LEU A 71 -6.10 -8.79 -2.30
C LEU A 71 -6.15 -7.82 -3.46
N VAL A 72 -7.33 -7.27 -3.65
CA VAL A 72 -7.56 -6.27 -4.67
C VAL A 72 -7.25 -4.90 -4.09
N HIS A 73 -7.28 -3.89 -4.93
CA HIS A 73 -6.99 -2.53 -4.50
C HIS A 73 -7.94 -2.07 -3.40
N THR A 74 -9.22 -2.34 -3.58
CA THR A 74 -10.22 -1.92 -2.60
C THR A 74 -10.20 -2.72 -1.31
N GLU A 75 -9.85 -4.02 -1.37
CA GLU A 75 -9.81 -4.83 -0.17
C GLU A 75 -8.84 -4.25 0.84
N VAL A 76 -7.68 -3.86 0.35
CA VAL A 76 -6.67 -3.28 1.21
C VAL A 76 -7.07 -1.86 1.61
N VAL A 77 -7.68 -1.12 0.67
CA VAL A 77 -8.14 0.24 0.93
C VAL A 77 -9.08 0.25 2.12
N GLU A 78 -10.08 -0.62 2.06
CA GLU A 78 -11.04 -0.74 3.15
C GLU A 78 -10.36 -1.19 4.41
N LEU A 79 -9.54 -2.21 4.25
CA LEU A 79 -8.75 -2.76 5.35
C LEU A 79 -8.09 -1.61 6.13
N ILE A 80 -7.35 -0.77 5.43
CA ILE A 80 -6.72 0.39 6.03
C ILE A 80 -7.75 1.24 6.76
N LEU A 81 -8.79 1.62 6.04
CA LEU A 81 -9.89 2.42 6.59
C LEU A 81 -10.46 1.81 7.88
N LYS A 82 -10.61 0.49 7.91
CA LYS A 82 -11.17 -0.22 9.07
C LYS A 82 -10.31 -0.14 10.34
N SER A 83 -9.07 0.32 10.22
CA SER A 83 -8.17 0.43 11.37
C SER A 83 -8.84 1.13 12.56
N GLY A 84 -9.22 2.38 12.38
CA GLY A 84 -9.85 3.14 13.44
C GLY A 84 -8.86 4.02 14.17
N ASN A 85 -8.94 5.33 13.91
CA ASN A 85 -8.08 6.33 14.52
C ASN A 85 -6.66 6.32 13.94
N LYS A 86 -6.09 5.13 13.79
CA LYS A 86 -4.78 4.98 13.21
C LYS A 86 -4.66 3.63 12.58
N VAL A 87 -3.74 3.53 11.67
CA VAL A 87 -3.52 2.30 10.94
C VAL A 87 -2.03 1.98 10.83
N ALA A 88 -1.68 0.74 11.14
CA ALA A 88 -0.30 0.31 11.05
C ALA A 88 -0.04 -0.29 9.69
N ILE A 89 0.63 0.46 8.86
CA ILE A 89 0.93 0.02 7.51
C ILE A 89 2.37 -0.46 7.40
N SER A 90 2.53 -1.76 7.17
CA SER A 90 3.85 -2.36 7.05
C SER A 90 4.42 -2.07 5.67
N THR A 91 5.47 -1.26 5.62
CA THR A 91 6.09 -0.89 4.37
C THR A 91 7.39 -1.66 4.15
N THR A 92 7.94 -1.52 2.95
CA THR A 92 9.17 -2.16 2.55
C THR A 92 9.54 -1.65 1.16
N PRO A 93 10.84 -1.63 0.79
CA PRO A 93 11.27 -1.16 -0.54
C PRO A 93 10.49 -1.75 -1.69
N LEU A 94 10.42 -0.98 -2.77
CA LEU A 94 9.73 -1.40 -3.96
C LEU A 94 10.77 -1.78 -5.01
N GLU A 95 11.27 -2.99 -4.89
CA GLU A 95 12.27 -3.48 -5.82
C GLU A 95 11.61 -4.45 -6.80
N ASN A 96 11.73 -4.11 -8.06
CA ASN A 96 11.14 -4.91 -9.13
C ASN A 96 11.74 -4.51 -10.46
N PRO B 1 3.92 3.72 -16.01
CA PRO B 1 3.97 2.98 -14.74
C PRO B 1 5.15 2.02 -14.73
N PHE B 2 5.25 1.20 -13.70
CA PHE B 2 6.34 0.25 -13.60
C PHE B 2 5.91 -1.14 -14.08
N ASP B 3 6.87 -1.91 -14.55
CA ASP B 3 6.64 -3.27 -15.04
C ASP B 3 5.68 -3.28 -16.23
N GLU B 4 4.87 -4.34 -16.33
CA GLU B 4 3.94 -4.49 -17.42
C GLU B 4 2.53 -4.05 -17.01
N ASP B 5 2.44 -2.90 -16.36
CA ASP B 5 1.16 -2.37 -15.92
C ASP B 5 0.28 -1.96 -17.08
N GLN B 6 -0.99 -2.30 -16.99
CA GLN B 6 -1.97 -1.97 -18.02
C GLN B 6 -3.26 -1.50 -17.36
N HIS B 7 -3.19 -1.25 -16.06
CA HIS B 7 -4.35 -0.82 -15.28
C HIS B 7 -3.91 -0.46 -13.88
N THR B 8 -3.39 0.75 -13.72
CA THR B 8 -2.93 1.22 -12.42
C THR B 8 -4.09 1.81 -11.62
N GLN B 9 -4.53 1.08 -10.62
CA GLN B 9 -5.64 1.54 -9.79
C GLN B 9 -5.18 2.69 -8.89
N ILE B 10 -6.12 3.53 -8.49
CA ILE B 10 -5.80 4.67 -7.63
C ILE B 10 -7.01 5.07 -6.78
N THR B 11 -6.77 5.25 -5.49
CA THR B 11 -7.82 5.65 -4.57
C THR B 11 -7.23 6.28 -3.31
N LYS B 12 -7.83 7.39 -2.90
CA LYS B 12 -7.42 8.08 -1.70
C LYS B 12 -7.90 7.29 -0.50
N VAL B 13 -7.00 6.92 0.40
CA VAL B 13 -7.39 6.14 1.53
C VAL B 13 -6.96 6.81 2.82
N GLY A 1 11.83 -15.86 5.97
CA GLY A 1 11.93 -14.69 6.88
C GLY A 1 10.68 -13.83 6.82
N GLY A 2 9.84 -13.94 7.84
CA GLY A 2 8.62 -13.15 7.88
C GLY A 2 8.89 -11.70 8.23
N SER A 3 9.03 -11.44 9.52
CA SER A 3 9.31 -10.09 10.01
C SER A 3 10.71 -9.67 9.60
N MET A 4 10.79 -8.71 8.69
CA MET A 4 12.07 -8.23 8.19
C MET A 4 11.96 -6.79 7.70
N ARG A 5 10.85 -6.48 7.06
CA ARG A 5 10.62 -5.14 6.53
C ARG A 5 9.76 -4.32 7.49
N PRO A 6 10.33 -3.25 8.09
CA PRO A 6 9.62 -2.38 9.02
C PRO A 6 8.44 -1.66 8.36
N PRO A 7 7.24 -1.77 8.95
CA PRO A 7 6.04 -1.13 8.41
C PRO A 7 6.12 0.39 8.45
N ILE A 8 5.40 1.00 7.53
CA ILE A 8 5.32 2.45 7.42
C ILE A 8 4.11 2.95 8.18
N ILE A 9 4.30 3.27 9.46
CA ILE A 9 3.21 3.77 10.30
C ILE A 9 2.76 5.16 9.85
N ILE A 10 1.71 5.19 9.07
CA ILE A 10 1.14 6.42 8.56
C ILE A 10 0.01 6.91 9.44
N HIS A 11 0.05 8.16 9.79
CA HIS A 11 -0.96 8.77 10.63
C HIS A 11 -2.16 9.20 9.80
N ARG A 12 -3.32 9.26 10.42
CA ARG A 12 -4.54 9.66 9.75
C ARG A 12 -4.55 11.17 9.53
N ALA A 13 -5.07 11.61 8.40
CA ALA A 13 -5.11 13.03 8.08
C ALA A 13 -6.55 13.49 7.87
N GLY A 14 -6.80 14.22 6.79
CA GLY A 14 -8.13 14.70 6.52
C GLY A 14 -8.89 13.86 5.52
N LYS A 15 -8.42 13.87 4.27
CA LYS A 15 -9.05 13.09 3.22
C LYS A 15 -8.34 11.76 3.02
N LYS A 16 -7.02 11.82 2.88
CA LYS A 16 -6.23 10.60 2.68
C LYS A 16 -5.08 10.55 3.67
N TYR A 17 -4.44 9.39 3.77
CA TYR A 17 -3.30 9.22 4.65
C TYR A 17 -2.08 9.92 4.05
N GLY A 18 -2.30 10.59 2.93
CA GLY A 18 -1.23 11.30 2.29
C GLY A 18 -0.75 10.62 1.03
N PHE A 19 -1.34 9.49 0.71
CA PHE A 19 -0.93 8.78 -0.50
C PHE A 19 -2.08 8.21 -1.29
N THR A 20 -1.72 7.81 -2.48
CA THR A 20 -2.65 7.22 -3.44
C THR A 20 -2.29 5.76 -3.65
N LEU A 21 -3.25 4.89 -3.37
CA LEU A 21 -3.03 3.47 -3.56
C LEU A 21 -3.54 3.07 -4.93
N ARG A 22 -2.76 2.31 -5.65
CA ARG A 22 -3.15 1.88 -6.98
C ARG A 22 -2.92 0.40 -7.16
N ALA A 23 -3.86 -0.26 -7.80
CA ALA A 23 -3.75 -1.68 -8.05
C ALA A 23 -3.29 -1.91 -9.48
N ILE A 24 -2.14 -2.54 -9.62
CA ILE A 24 -1.58 -2.83 -10.93
C ILE A 24 -1.87 -4.26 -11.34
N ARG A 25 -2.11 -4.46 -12.62
CA ARG A 25 -2.44 -5.77 -13.16
C ARG A 25 -1.26 -6.32 -13.96
N VAL A 26 -0.42 -7.09 -13.28
CA VAL A 26 0.76 -7.67 -13.91
C VAL A 26 0.51 -9.13 -14.20
N TYR A 27 0.51 -9.49 -15.46
CA TYR A 27 0.24 -10.87 -15.85
C TYR A 27 1.46 -11.75 -15.62
N MET A 28 1.20 -12.95 -15.16
CA MET A 28 2.23 -13.92 -14.90
C MET A 28 2.72 -14.49 -16.22
N GLY A 29 4.03 -14.38 -16.46
CA GLY A 29 4.61 -14.88 -17.69
C GLY A 29 4.63 -16.40 -17.78
N ASP A 30 3.46 -16.98 -17.99
CA ASP A 30 3.31 -18.43 -18.09
C ASP A 30 1.93 -18.79 -18.59
N SER A 31 0.92 -18.25 -17.92
CA SER A 31 -0.46 -18.52 -18.28
C SER A 31 -1.22 -17.22 -18.58
N ASP A 32 -2.52 -17.23 -18.34
CA ASP A 32 -3.36 -16.06 -18.59
C ASP A 32 -3.61 -15.31 -17.29
N VAL A 33 -3.34 -16.00 -16.20
CA VAL A 33 -3.52 -15.45 -14.87
C VAL A 33 -2.77 -14.14 -14.67
N TYR A 34 -3.35 -13.28 -13.86
CA TYR A 34 -2.78 -11.98 -13.57
C TYR A 34 -2.44 -11.89 -12.10
N THR A 35 -1.62 -10.91 -11.79
CA THR A 35 -1.20 -10.66 -10.45
C THR A 35 -1.50 -9.22 -10.06
N VAL A 36 -2.55 -9.07 -9.27
CA VAL A 36 -2.95 -7.74 -8.83
C VAL A 36 -2.12 -7.32 -7.62
N HIS A 37 -1.20 -6.40 -7.84
CA HIS A 37 -0.35 -5.92 -6.77
C HIS A 37 -0.85 -4.60 -6.24
N HIS A 38 -0.66 -4.40 -4.95
CA HIS A 38 -1.09 -3.19 -4.29
C HIS A 38 0.11 -2.29 -4.07
N MET A 39 0.26 -1.31 -4.94
CA MET A 39 1.39 -0.41 -4.86
C MET A 39 0.96 1.03 -4.67
N VAL A 40 1.66 1.72 -3.78
CA VAL A 40 1.40 3.13 -3.55
C VAL A 40 1.89 3.88 -4.79
N TRP A 41 0.99 4.57 -5.45
CA TRP A 41 1.32 5.27 -6.68
C TRP A 41 1.96 6.62 -6.45
N HIS A 42 1.48 7.34 -5.46
CA HIS A 42 2.00 8.68 -5.19
C HIS A 42 1.85 9.04 -3.73
N VAL A 43 2.79 9.82 -3.23
CA VAL A 43 2.78 10.26 -1.85
C VAL A 43 2.91 11.78 -1.80
N GLU A 44 1.96 12.43 -1.15
CA GLU A 44 1.96 13.87 -1.02
C GLU A 44 3.20 14.34 -0.27
N ASP A 45 3.90 15.32 -0.82
CA ASP A 45 5.11 15.85 -0.20
C ASP A 45 4.76 16.56 1.09
N GLY A 46 5.16 15.96 2.20
CA GLY A 46 4.87 16.54 3.50
C GLY A 46 3.65 15.91 4.13
N GLY A 47 3.09 14.91 3.47
CA GLY A 47 1.93 14.22 4.00
C GLY A 47 2.31 13.23 5.07
N PRO A 48 1.33 12.64 5.76
CA PRO A 48 1.57 11.66 6.83
C PRO A 48 2.39 10.50 6.35
N ALA A 49 2.01 9.99 5.20
CA ALA A 49 2.71 8.87 4.59
C ALA A 49 4.14 9.24 4.25
N SER A 50 4.33 10.48 3.82
CA SER A 50 5.66 10.97 3.49
C SER A 50 6.51 11.02 4.74
N GLU A 51 5.88 11.36 5.83
CA GLU A 51 6.53 11.45 7.12
C GLU A 51 6.81 10.06 7.67
N ALA A 52 5.91 9.14 7.36
CA ALA A 52 6.02 7.77 7.79
C ALA A 52 7.15 7.06 7.05
N GLY A 53 7.45 7.54 5.85
CA GLY A 53 8.51 6.94 5.06
C GLY A 53 8.02 6.12 3.88
N LEU A 54 6.73 6.22 3.58
CA LEU A 54 6.17 5.48 2.45
C LEU A 54 6.74 5.99 1.14
N ARG A 55 7.06 5.07 0.26
CA ARG A 55 7.62 5.41 -1.04
C ARG A 55 6.75 4.86 -2.15
N GLN A 56 6.40 5.73 -3.10
CA GLN A 56 5.57 5.32 -4.21
C GLN A 56 6.35 4.44 -5.18
N GLY A 57 5.73 3.36 -5.61
CA GLY A 57 6.37 2.44 -6.52
C GLY A 57 6.89 1.20 -5.81
N ASP A 58 6.56 1.06 -4.53
CA ASP A 58 6.97 -0.12 -3.76
C ASP A 58 5.91 -1.19 -3.87
N LEU A 59 5.90 -2.09 -2.90
CA LEU A 59 4.93 -3.15 -2.87
C LEU A 59 4.41 -3.32 -1.46
N ILE A 60 3.15 -3.03 -1.27
CA ILE A 60 2.55 -3.19 0.04
C ILE A 60 2.14 -4.64 0.23
N THR A 61 2.86 -5.35 1.08
CA THR A 61 2.58 -6.76 1.32
C THR A 61 1.63 -6.96 2.51
N HIS A 62 1.72 -6.10 3.52
CA HIS A 62 0.85 -6.23 4.69
C HIS A 62 0.33 -4.87 5.13
N VAL A 63 -0.90 -4.87 5.61
CA VAL A 63 -1.54 -3.67 6.10
C VAL A 63 -2.02 -3.93 7.52
N ASN A 64 -1.42 -3.24 8.48
CA ASN A 64 -1.77 -3.39 9.90
C ASN A 64 -1.42 -4.79 10.38
N GLY A 65 -0.48 -5.42 9.68
CA GLY A 65 -0.07 -6.76 10.02
C GLY A 65 -0.90 -7.83 9.33
N GLU A 66 -1.71 -7.40 8.37
CA GLU A 66 -2.57 -8.33 7.64
C GLU A 66 -2.05 -8.57 6.23
N PRO A 67 -1.91 -9.84 5.82
CA PRO A 67 -1.45 -10.18 4.47
C PRO A 67 -2.55 -9.88 3.45
N VAL A 68 -2.32 -8.86 2.65
CA VAL A 68 -3.31 -8.44 1.66
C VAL A 68 -3.08 -9.09 0.30
N HIS A 69 -2.05 -9.91 0.21
CA HIS A 69 -1.74 -10.60 -1.04
C HIS A 69 -2.88 -11.54 -1.42
N GLY A 70 -3.72 -11.09 -2.34
CA GLY A 70 -4.83 -11.90 -2.79
C GLY A 70 -6.14 -11.13 -2.82
N LEU A 71 -6.23 -10.06 -2.02
CA LEU A 71 -7.44 -9.26 -1.97
C LEU A 71 -7.58 -8.34 -3.16
N VAL A 72 -8.72 -7.67 -3.20
CA VAL A 72 -8.99 -6.68 -4.23
C VAL A 72 -8.45 -5.35 -3.77
N HIS A 73 -8.52 -4.36 -4.63
CA HIS A 73 -8.02 -3.03 -4.31
C HIS A 73 -8.73 -2.43 -3.09
N THR A 74 -10.04 -2.57 -3.06
CA THR A 74 -10.85 -2.01 -1.98
C THR A 74 -10.68 -2.73 -0.64
N GLU A 75 -10.50 -4.05 -0.65
CA GLU A 75 -10.35 -4.80 0.58
C GLU A 75 -9.18 -4.27 1.39
N VAL A 76 -8.09 -4.02 0.70
CA VAL A 76 -6.89 -3.50 1.34
C VAL A 76 -7.09 -2.03 1.67
N VAL A 77 -7.83 -1.31 0.82
CA VAL A 77 -8.13 0.11 1.04
C VAL A 77 -8.87 0.27 2.35
N GLU A 78 -9.90 -0.54 2.53
CA GLU A 78 -10.68 -0.52 3.75
C GLU A 78 -9.81 -0.87 4.93
N LEU A 79 -9.07 -1.95 4.74
CA LEU A 79 -8.13 -2.43 5.75
C LEU A 79 -7.32 -1.26 6.30
N ILE A 80 -6.66 -0.53 5.40
CA ILE A 80 -5.91 0.65 5.75
C ILE A 80 -6.76 1.62 6.55
N LEU A 81 -7.91 1.97 5.97
CA LEU A 81 -8.86 2.88 6.61
C LEU A 81 -9.25 2.42 8.03
N LYS A 82 -9.48 1.14 8.21
CA LYS A 82 -9.88 0.57 9.49
C LYS A 82 -8.76 0.50 10.54
N SER A 83 -7.56 0.94 10.17
CA SER A 83 -6.41 0.96 11.09
C SER A 83 -6.75 1.66 12.41
N GLY A 84 -7.03 2.95 12.33
CA GLY A 84 -7.37 3.73 13.50
C GLY A 84 -6.22 4.62 13.95
N ASN A 85 -6.32 5.91 13.60
CA ASN A 85 -5.31 6.92 13.94
C ASN A 85 -4.02 6.78 13.13
N LYS A 86 -3.58 5.55 12.92
CA LYS A 86 -2.40 5.28 12.14
C LYS A 86 -2.48 3.89 11.58
N VAL A 87 -1.76 3.69 10.53
CA VAL A 87 -1.75 2.40 9.85
C VAL A 87 -0.34 1.95 9.54
N ALA A 88 -0.05 0.71 9.91
CA ALA A 88 1.26 0.14 9.65
C ALA A 88 1.25 -0.54 8.30
N ILE A 89 2.02 0.01 7.38
CA ILE A 89 2.08 -0.52 6.03
C ILE A 89 3.41 -1.19 5.75
N SER A 90 3.40 -2.50 5.63
CA SER A 90 4.61 -3.25 5.35
C SER A 90 4.97 -3.12 3.88
N THR A 91 6.04 -2.39 3.61
CA THR A 91 6.47 -2.17 2.24
C THR A 91 7.69 -3.02 1.89
N THR A 92 7.98 -3.05 0.60
CA THR A 92 9.10 -3.80 0.05
C THR A 92 9.28 -3.38 -1.41
N PRO A 93 10.51 -3.39 -1.93
CA PRO A 93 10.79 -3.00 -3.33
C PRO A 93 9.92 -3.71 -4.34
N LEU A 94 9.62 -3.00 -5.42
CA LEU A 94 8.82 -3.55 -6.50
C LEU A 94 9.73 -3.84 -7.69
N GLU A 95 10.41 -4.97 -7.60
CA GLU A 95 11.31 -5.38 -8.65
C GLU A 95 10.71 -6.54 -9.41
N ASN A 96 10.50 -6.33 -10.69
CA ASN A 96 9.91 -7.34 -11.55
C ASN A 96 10.77 -7.54 -12.78
N PRO B 1 11.28 3.02 -7.31
CA PRO B 1 11.26 2.63 -8.74
C PRO B 1 10.25 1.51 -8.96
N PHE B 2 9.53 1.58 -10.07
CA PHE B 2 8.52 0.58 -10.39
C PHE B 2 8.84 -0.09 -11.72
N ASP B 3 8.10 -1.14 -12.06
CA ASP B 3 8.32 -1.86 -13.31
C ASP B 3 7.42 -1.30 -14.41
N GLU B 4 6.16 -1.69 -14.39
CA GLU B 4 5.21 -1.21 -15.40
C GLU B 4 3.93 -0.73 -14.74
N ASP B 5 3.18 0.09 -15.45
CA ASP B 5 1.92 0.64 -14.95
C ASP B 5 0.79 0.37 -15.94
N GLN B 6 -0.27 -0.26 -15.46
CA GLN B 6 -1.43 -0.56 -16.28
C GLN B 6 -2.66 0.08 -15.69
N HIS B 7 -3.76 0.07 -16.43
CA HIS B 7 -5.00 0.66 -15.95
C HIS B 7 -5.86 -0.40 -15.28
N THR B 8 -5.94 -0.33 -13.96
CA THR B 8 -6.73 -1.27 -13.19
C THR B 8 -7.55 -0.53 -12.15
N GLN B 9 -6.93 -0.20 -11.02
CA GLN B 9 -7.62 0.53 -9.96
C GLN B 9 -6.75 1.64 -9.39
N ILE B 10 -7.40 2.66 -8.87
CA ILE B 10 -6.74 3.81 -8.27
C ILE B 10 -7.68 4.47 -7.28
N THR B 11 -7.26 4.60 -6.04
CA THR B 11 -8.10 5.20 -5.02
C THR B 11 -7.27 5.80 -3.89
N LYS B 12 -7.68 6.98 -3.44
CA LYS B 12 -7.02 7.67 -2.35
C LYS B 12 -7.34 6.93 -1.06
N VAL B 13 -6.37 6.82 -0.17
CA VAL B 13 -6.60 6.12 1.07
C VAL B 13 -7.20 7.06 2.13
N GLY A 1 10.41 -15.14 8.71
CA GLY A 1 9.77 -14.55 9.90
C GLY A 1 8.54 -13.73 9.54
N GLY A 2 7.59 -13.65 10.46
CA GLY A 2 6.38 -12.89 10.22
C GLY A 2 6.52 -11.45 10.65
N SER A 3 6.27 -11.20 11.92
CA SER A 3 6.38 -9.86 12.48
C SER A 3 7.84 -9.45 12.59
N MET A 4 8.29 -8.62 11.66
CA MET A 4 9.67 -8.17 11.66
C MET A 4 9.75 -6.65 11.55
N ARG A 5 9.08 -6.10 10.55
CA ARG A 5 9.07 -4.65 10.34
C ARG A 5 7.93 -4.01 11.10
N PRO A 6 8.22 -2.96 11.88
CA PRO A 6 7.20 -2.23 12.65
C PRO A 6 6.22 -1.50 11.73
N PRO A 7 4.91 -1.59 12.02
CA PRO A 7 3.89 -0.95 11.20
C PRO A 7 3.96 0.57 11.26
N ILE A 8 3.45 1.20 10.22
CA ILE A 8 3.40 2.64 10.10
C ILE A 8 2.04 3.12 10.59
N ILE A 9 1.96 3.47 11.87
CA ILE A 9 0.71 3.93 12.47
C ILE A 9 0.36 5.32 11.95
N ILE A 10 -0.47 5.36 10.92
CA ILE A 10 -0.91 6.62 10.33
C ILE A 10 -2.20 7.07 10.96
N HIS A 11 -2.24 8.33 11.35
CA HIS A 11 -3.43 8.89 11.94
C HIS A 11 -4.33 9.47 10.85
N ARG A 12 -5.61 9.54 11.13
CA ARG A 12 -6.57 10.08 10.18
C ARG A 12 -6.41 11.59 10.05
N ALA A 13 -6.74 12.11 8.89
CA ALA A 13 -6.64 13.55 8.64
C ALA A 13 -7.99 14.11 8.22
N GLY A 14 -8.68 13.38 7.35
CA GLY A 14 -9.98 13.80 6.88
C GLY A 14 -10.28 13.25 5.51
N LYS A 15 -9.61 13.78 4.50
CA LYS A 15 -9.81 13.33 3.14
C LYS A 15 -8.92 12.13 2.83
N LYS A 16 -7.71 12.17 3.36
CA LYS A 16 -6.75 11.09 3.16
C LYS A 16 -5.94 10.88 4.43
N TYR A 17 -5.26 9.74 4.51
CA TYR A 17 -4.38 9.44 5.64
C TYR A 17 -3.04 10.07 5.36
N GLY A 18 -2.95 10.68 4.19
CA GLY A 18 -1.72 11.32 3.79
C GLY A 18 -1.02 10.58 2.68
N PHE A 19 -1.69 9.59 2.09
CA PHE A 19 -1.07 8.85 1.02
C PHE A 19 -2.05 8.33 -0.01
N THR A 20 -1.45 7.93 -1.12
CA THR A 20 -2.16 7.39 -2.25
C THR A 20 -1.78 5.94 -2.44
N LEU A 21 -2.76 5.06 -2.46
CA LEU A 21 -2.51 3.65 -2.64
C LEU A 21 -2.75 3.29 -4.09
N ARG A 22 -1.74 2.73 -4.73
CA ARG A 22 -1.85 2.35 -6.12
C ARG A 22 -1.54 0.87 -6.30
N ALA A 23 -2.50 0.14 -6.82
CA ALA A 23 -2.35 -1.28 -7.04
C ALA A 23 -1.58 -1.51 -8.34
N ILE A 24 -0.30 -1.85 -8.21
CA ILE A 24 0.54 -2.07 -9.37
C ILE A 24 0.41 -3.52 -9.83
N ARG A 25 0.14 -3.69 -11.12
CA ARG A 25 -0.03 -5.01 -11.70
C ARG A 25 1.21 -5.41 -12.49
N VAL A 26 1.94 -6.38 -11.96
CA VAL A 26 3.14 -6.89 -12.59
C VAL A 26 2.82 -8.29 -13.10
N TYR A 27 3.66 -8.86 -13.94
CA TYR A 27 3.41 -10.19 -14.43
C TYR A 27 4.53 -11.14 -14.06
N MET A 28 4.17 -12.37 -13.79
CA MET A 28 5.11 -13.40 -13.41
C MET A 28 5.84 -13.92 -14.64
N GLY A 29 7.15 -13.68 -14.69
CA GLY A 29 7.96 -14.12 -15.82
C GLY A 29 8.16 -15.63 -15.84
N ASP A 30 7.10 -16.33 -16.20
CA ASP A 30 7.11 -17.79 -16.30
C ASP A 30 5.75 -18.29 -16.76
N SER A 31 4.71 -17.59 -16.34
CA SER A 31 3.35 -17.94 -16.71
C SER A 31 2.60 -16.68 -17.17
N ASP A 32 1.29 -16.78 -17.30
CA ASP A 32 0.47 -15.65 -17.75
C ASP A 32 -0.10 -14.90 -16.55
N VAL A 33 0.04 -15.53 -15.41
CA VAL A 33 -0.45 -14.99 -14.15
C VAL A 33 0.21 -13.66 -13.81
N TYR A 34 -0.54 -12.82 -13.12
CA TYR A 34 -0.07 -11.51 -12.72
C TYR A 34 0.25 -11.46 -11.24
N THR A 35 0.93 -10.41 -10.86
CA THR A 35 1.31 -10.18 -9.49
C THR A 35 0.92 -8.76 -9.11
N VAL A 36 -0.20 -8.64 -8.41
CA VAL A 36 -0.68 -7.33 -7.99
C VAL A 36 -0.11 -6.97 -6.63
N HIS A 37 0.63 -5.87 -6.57
CA HIS A 37 1.23 -5.41 -5.33
C HIS A 37 0.53 -4.15 -4.87
N HIS A 38 0.42 -4.00 -3.56
CA HIS A 38 -0.21 -2.84 -2.96
C HIS A 38 0.88 -1.92 -2.42
N MET A 39 1.23 -0.92 -3.22
CA MET A 39 2.28 0.00 -2.84
C MET A 39 1.78 1.42 -2.73
N VAL A 40 2.24 2.11 -1.70
CA VAL A 40 1.91 3.51 -1.50
C VAL A 40 2.62 4.29 -2.60
N TRP A 41 1.86 4.92 -3.46
CA TRP A 41 2.43 5.63 -4.61
C TRP A 41 3.00 6.99 -4.24
N HIS A 42 2.30 7.70 -3.38
CA HIS A 42 2.73 9.03 -2.98
C HIS A 42 2.30 9.35 -1.56
N VAL A 43 3.14 10.10 -0.87
CA VAL A 43 2.86 10.51 0.50
C VAL A 43 2.80 12.03 0.55
N GLU A 44 1.65 12.55 0.94
CA GLU A 44 1.44 13.96 1.04
C GLU A 44 2.45 14.60 1.97
N ASP A 45 3.18 15.58 1.46
CA ASP A 45 4.17 16.28 2.26
C ASP A 45 3.50 16.97 3.43
N GLY A 46 3.89 16.59 4.64
CA GLY A 46 3.29 17.17 5.81
C GLY A 46 2.01 16.45 6.20
N GLY A 47 1.81 15.28 5.62
CA GLY A 47 0.62 14.50 5.91
C GLY A 47 0.84 13.54 7.05
N PRO A 48 -0.22 12.92 7.57
CA PRO A 48 -0.15 11.97 8.68
C PRO A 48 0.76 10.81 8.39
N ALA A 49 0.60 10.27 7.20
CA ALA A 49 1.40 9.13 6.75
C ALA A 49 2.88 9.48 6.75
N SER A 50 3.19 10.71 6.37
CA SER A 50 4.58 11.17 6.34
C SER A 50 5.12 11.20 7.76
N GLU A 51 4.25 11.60 8.67
CA GLU A 51 4.60 11.70 10.08
C GLU A 51 4.71 10.32 10.70
N ALA A 52 3.97 9.38 10.14
CA ALA A 52 3.96 8.02 10.61
C ALA A 52 5.19 7.27 10.12
N GLY A 53 5.76 7.74 9.01
CA GLY A 53 6.93 7.12 8.46
C GLY A 53 6.69 6.38 7.16
N LEU A 54 5.49 6.49 6.62
CA LEU A 54 5.16 5.82 5.37
C LEU A 54 5.94 6.44 4.23
N ARG A 55 6.54 5.60 3.42
CA ARG A 55 7.33 6.04 2.30
C ARG A 55 6.73 5.53 1.00
N GLN A 56 6.55 6.45 0.06
CA GLN A 56 5.97 6.10 -1.23
C GLN A 56 6.96 5.31 -2.07
N GLY A 57 6.52 4.14 -2.52
CA GLY A 57 7.36 3.29 -3.33
C GLY A 57 7.82 2.03 -2.61
N ASP A 58 7.27 1.79 -1.43
CA ASP A 58 7.60 0.58 -0.66
C ASP A 58 6.64 -0.53 -1.02
N LEU A 59 6.41 -1.41 -0.06
CA LEU A 59 5.49 -2.50 -0.26
C LEU A 59 4.70 -2.73 1.01
N ILE A 60 3.42 -2.51 0.94
CA ILE A 60 2.56 -2.74 2.08
C ILE A 60 2.26 -4.24 2.19
N THR A 61 2.83 -4.88 3.20
CA THR A 61 2.63 -6.31 3.37
C THR A 61 1.40 -6.62 4.21
N HIS A 62 1.10 -5.79 5.20
CA HIS A 62 -0.08 -6.01 6.04
C HIS A 62 -0.71 -4.69 6.43
N VAL A 63 -2.03 -4.71 6.57
CA VAL A 63 -2.77 -3.53 6.97
C VAL A 63 -3.56 -3.84 8.22
N ASN A 64 -3.23 -3.15 9.31
CA ASN A 64 -3.89 -3.36 10.59
C ASN A 64 -3.69 -4.79 11.08
N GLY A 65 -2.57 -5.37 10.65
CA GLY A 65 -2.24 -6.73 11.05
C GLY A 65 -2.99 -7.77 10.25
N GLU A 66 -3.50 -7.38 9.08
CA GLU A 66 -4.24 -8.31 8.24
C GLU A 66 -3.48 -8.59 6.96
N PRO A 67 -3.47 -9.86 6.51
CA PRO A 67 -2.79 -10.26 5.28
C PRO A 67 -3.50 -9.70 4.05
N VAL A 68 -2.81 -8.83 3.34
CA VAL A 68 -3.39 -8.21 2.15
C VAL A 68 -2.90 -8.91 0.90
N HIS A 69 -1.95 -9.82 1.08
CA HIS A 69 -1.38 -10.57 -0.04
C HIS A 69 -2.40 -11.56 -0.58
N GLY A 70 -3.22 -11.11 -1.52
CA GLY A 70 -4.22 -11.96 -2.11
C GLY A 70 -5.51 -11.25 -2.41
N LEU A 71 -5.77 -10.15 -1.70
CA LEU A 71 -7.01 -9.40 -1.92
C LEU A 71 -6.92 -8.54 -3.17
N VAL A 72 -7.89 -7.66 -3.30
CA VAL A 72 -7.97 -6.73 -4.39
C VAL A 72 -7.53 -5.36 -3.89
N HIS A 73 -7.60 -4.36 -4.76
CA HIS A 73 -7.19 -3.02 -4.38
C HIS A 73 -8.12 -2.42 -3.33
N THR A 74 -9.41 -2.57 -3.52
CA THR A 74 -10.39 -2.02 -2.59
C THR A 74 -10.39 -2.74 -1.24
N GLU A 75 -10.10 -4.05 -1.23
CA GLU A 75 -10.08 -4.81 0.00
C GLU A 75 -9.12 -4.21 1.00
N VAL A 76 -7.96 -3.82 0.51
CA VAL A 76 -6.95 -3.22 1.37
C VAL A 76 -7.32 -1.77 1.67
N VAL A 77 -7.94 -1.10 0.70
CA VAL A 77 -8.38 0.28 0.88
C VAL A 77 -9.38 0.36 2.02
N GLU A 78 -10.36 -0.52 1.99
CA GLU A 78 -11.37 -0.60 3.03
C GLU A 78 -10.69 -0.90 4.34
N LEU A 79 -9.87 -1.93 4.30
CA LEU A 79 -9.09 -2.36 5.47
C LEU A 79 -8.49 -1.15 6.17
N ILE A 80 -7.73 -0.34 5.42
CA ILE A 80 -7.14 0.87 5.95
C ILE A 80 -8.21 1.77 6.56
N LEU A 81 -9.24 2.05 5.79
CA LEU A 81 -10.35 2.88 6.25
C LEU A 81 -10.98 2.35 7.56
N LYS A 82 -11.14 1.03 7.66
CA LYS A 82 -11.73 0.38 8.83
C LYS A 82 -10.86 0.45 10.08
N SER A 83 -9.65 0.99 9.97
CA SER A 83 -8.74 1.09 11.10
C SER A 83 -9.38 1.81 12.30
N GLY A 84 -9.76 3.07 12.11
CA GLY A 84 -10.38 3.81 13.19
C GLY A 84 -9.42 4.80 13.82
N ASN A 85 -9.38 6.02 13.26
CA ASN A 85 -8.53 7.10 13.74
C ASN A 85 -7.05 6.90 13.35
N LYS A 86 -6.58 5.66 13.38
CA LYS A 86 -5.22 5.36 13.01
C LYS A 86 -5.17 3.99 12.41
N VAL A 87 -4.23 3.83 11.52
CA VAL A 87 -4.05 2.58 10.82
C VAL A 87 -2.60 2.15 10.83
N ALA A 88 -2.39 0.88 11.17
CA ALA A 88 -1.04 0.32 11.21
C ALA A 88 -0.73 -0.32 9.88
N ILE A 89 0.21 0.23 9.17
CA ILE A 89 0.59 -0.29 7.86
C ILE A 89 1.97 -0.90 7.89
N SER A 90 2.04 -2.21 7.76
CA SER A 90 3.30 -2.92 7.75
C SER A 90 3.98 -2.73 6.40
N THR A 91 5.17 -2.13 6.42
CA THR A 91 5.91 -1.86 5.21
C THR A 91 7.11 -2.77 5.04
N THR A 92 7.59 -2.87 3.81
CA THR A 92 8.75 -3.67 3.46
C THR A 92 9.27 -3.17 2.11
N PRO A 93 10.57 -3.28 1.84
CA PRO A 93 11.16 -2.84 0.57
C PRO A 93 10.46 -3.40 -0.66
N LEU A 94 10.55 -2.65 -1.75
CA LEU A 94 9.96 -3.04 -3.01
C LEU A 94 11.07 -3.38 -3.99
N GLU A 95 11.66 -4.54 -3.82
CA GLU A 95 12.73 -4.99 -4.70
C GLU A 95 12.19 -6.08 -5.61
N ASN A 96 12.31 -5.83 -6.90
CA ASN A 96 11.85 -6.79 -7.89
C ASN A 96 12.81 -6.84 -9.06
N PRO B 1 6.35 3.94 -14.74
CA PRO B 1 7.61 3.33 -14.27
C PRO B 1 7.36 1.95 -13.67
N PHE B 2 7.51 0.92 -14.51
CA PHE B 2 7.31 -0.49 -14.14
C PHE B 2 6.04 -0.69 -13.30
N ASP B 3 5.03 0.13 -13.56
CA ASP B 3 3.76 0.05 -12.84
C ASP B 3 2.59 -0.01 -13.81
N GLU B 4 2.65 0.80 -14.85
CA GLU B 4 1.60 0.84 -15.85
C GLU B 4 1.84 -0.23 -16.93
N ASP B 5 1.79 -1.49 -16.52
CA ASP B 5 2.00 -2.59 -17.47
C ASP B 5 0.76 -2.74 -18.34
N GLN B 6 -0.29 -3.32 -17.78
CA GLN B 6 -1.55 -3.52 -18.50
C GLN B 6 -2.68 -2.76 -17.83
N HIS B 7 -2.77 -2.91 -16.52
CA HIS B 7 -3.82 -2.25 -15.76
C HIS B 7 -3.28 -1.85 -14.39
N THR B 8 -3.75 -0.72 -13.91
CA THR B 8 -3.32 -0.22 -12.61
C THR B 8 -4.47 0.52 -11.94
N GLN B 9 -4.59 0.39 -10.63
CA GLN B 9 -5.67 1.07 -9.91
C GLN B 9 -5.09 2.06 -8.92
N ILE B 10 -5.78 3.18 -8.74
CA ILE B 10 -5.34 4.21 -7.81
C ILE B 10 -6.50 4.72 -6.96
N THR B 11 -6.29 4.75 -5.65
CA THR B 11 -7.29 5.22 -4.73
C THR B 11 -6.66 6.01 -3.60
N LYS B 12 -7.22 7.18 -3.34
CA LYS B 12 -6.75 8.04 -2.28
C LYS B 12 -7.42 7.61 -0.99
N VAL B 13 -6.64 7.40 0.07
CA VAL B 13 -7.20 6.95 1.31
C VAL B 13 -6.68 7.80 2.46
#